data_5MA2
#
_entry.id   5MA2
#
_cell.length_a   73.765
_cell.length_b   73.765
_cell.length_c   184.711
_cell.angle_alpha   90.00
_cell.angle_beta   90.00
_cell.angle_gamma   90.00
#
_symmetry.space_group_name_H-M   'P 41'
#
loop_
_entity.id
_entity.type
_entity.pdbx_description
1 polymer 'Tetrachloroethene reductive dehalogenase catalytically active subunit'
2 non-polymer 'IRON/SULFUR CLUSTER'
3 non-polymer NORPSEUDO-B12
4 non-polymer BENZAMIDINE
5 non-polymer GLYCEROL
6 non-polymer 4-IODOPHENOL
7 non-polymer 'IODIDE ION'
8 water water
#
_entity_poly.entity_id   1
_entity_poly.type   'polypeptide(L)'
_entity_poly.pdbx_seq_one_letter_code
;AEKEKNAAEIRQQFAMTAGSPIIVNDKLERYAEVRTAFTHPTSFFKPNYKGEVKPWFLSAYDEKVRQIENGENGPKMKAK
NVGEARAGRALEAAGWTLDINYGNIYPNRFFMLWSGETMTNTQLWAPVGLDRRPPDTTDPVELTNYVKFAARMAGADLVG
VARLNRNWVYSEAVTIPADVPYEQSLHKEIEKPIVFKDVPLPIETDDELIIPNTCENVIVAGIAMNREMMQTAPNSMACA
TTAFCYSRMCMFDMWLCQFIRYMGYYAIPSCNGVGQSVAFAVEAGLGQASRMGACITPEFGPNVRLTKVFTNMPLVPDKP
IDFGVTEFCETCKKCARECPSKAITEGPRTFEGRSIHNQSGKLQWQNDYNKCLGYWPESGGYCGVCVAVCPFTKGNIWIH
DGVEWLIDNTRFLDPLMLGMDDALGYGAKRNITEVWDGKINTYGLDADHFRDTVSFRKDRVKKS
;
_entity_poly.pdbx_strand_id   A,B
#
loop_
_chem_comp.id
_chem_comp.type
_chem_comp.name
_chem_comp.formula
BEN non-polymer BENZAMIDINE 'C7 H8 N2'
BVQ non-polymer NORPSEUDO-B12 'C57 H82 Co N16 O14 P 5'
GOL non-polymer GLYCEROL 'C3 H8 O3'
IOD non-polymer 'IODIDE ION' 'I -1'
IOL non-polymer 4-IODOPHENOL 'C6 H5 I O'
SF4 non-polymer 'IRON/SULFUR CLUSTER' 'Fe4 S4'
#
# COMPACT_ATOMS: atom_id res chain seq x y z
N ALA A 1 7.20 -31.21 -23.77
CA ALA A 1 7.04 -30.74 -22.39
C ALA A 1 6.37 -29.37 -22.34
N GLU A 2 5.78 -29.05 -21.21
CA GLU A 2 5.02 -27.81 -21.06
C GLU A 2 5.97 -26.61 -20.99
N LYS A 3 5.79 -25.65 -21.89
CA LYS A 3 6.59 -24.44 -21.85
C LYS A 3 6.16 -23.57 -20.68
N GLU A 4 7.13 -23.10 -19.91
CA GLU A 4 6.83 -22.25 -18.76
C GLU A 4 6.19 -20.94 -19.21
N LYS A 5 5.17 -20.51 -18.47
CA LYS A 5 4.46 -19.27 -18.78
C LYS A 5 5.43 -18.09 -18.85
N ASN A 6 5.34 -17.33 -19.94
CA ASN A 6 6.19 -16.15 -20.14
C ASN A 6 5.28 -14.97 -20.46
N ALA A 7 4.90 -14.22 -19.42
CA ALA A 7 4.00 -13.10 -19.60
C ALA A 7 4.59 -12.02 -20.50
N ALA A 8 5.90 -11.81 -20.44
CA ALA A 8 6.52 -10.81 -21.31
C ALA A 8 6.46 -11.24 -22.77
N GLU A 9 6.70 -12.51 -23.03
CA GLU A 9 6.58 -13.06 -24.38
C GLU A 9 5.15 -12.91 -24.91
N ILE A 10 4.17 -13.16 -24.06
CA ILE A 10 2.77 -13.01 -24.45
C ILE A 10 2.49 -11.57 -24.88
N ARG A 11 2.90 -10.60 -24.06
CA ARG A 11 2.64 -9.20 -24.41
C ARG A 11 3.35 -8.81 -25.70
N GLN A 12 4.56 -9.33 -25.92
CA GLN A 12 5.27 -9.02 -27.15
C GLN A 12 4.54 -9.59 -28.37
N GLN A 13 4.00 -10.80 -28.24
CA GLN A 13 3.35 -11.46 -29.36
C GLN A 13 2.12 -10.69 -29.83
N PHE A 14 1.38 -10.09 -28.90
CA PHE A 14 0.10 -9.46 -29.20
C PHE A 14 0.17 -7.94 -29.26
N ALA A 15 1.37 -7.36 -29.23
CA ALA A 15 1.52 -5.91 -29.33
C ALA A 15 1.06 -5.45 -30.71
N MET A 16 0.37 -4.30 -30.72
N MET A 16 0.41 -4.29 -30.75
CA MET A 16 -0.12 -3.66 -31.94
CA MET A 16 -0.06 -3.75 -32.02
C MET A 16 0.87 -2.60 -32.42
C MET A 16 0.65 -2.44 -32.32
N THR A 17 0.58 -2.05 -33.60
CA THR A 17 1.19 -0.81 -34.05
C THR A 17 0.57 0.36 -33.29
N ALA A 18 1.29 1.49 -33.28
CA ALA A 18 0.84 2.66 -32.52
C ALA A 18 -0.52 3.14 -33.01
N GLY A 19 -1.27 3.77 -32.11
CA GLY A 19 -2.57 4.33 -32.43
C GLY A 19 -3.63 3.93 -31.43
N SER A 20 -4.42 4.89 -30.96
CA SER A 20 -5.49 4.56 -30.01
C SER A 20 -6.41 3.52 -30.62
N PRO A 21 -6.65 2.39 -29.94
CA PRO A 21 -7.51 1.35 -30.52
C PRO A 21 -8.99 1.71 -30.49
N ILE A 22 -9.40 2.70 -29.71
CA ILE A 22 -10.82 2.97 -29.50
C ILE A 22 -11.38 3.68 -30.72
N ILE A 23 -12.44 3.11 -31.29
CA ILE A 23 -13.05 3.65 -32.49
C ILE A 23 -14.12 4.65 -32.08
N VAL A 24 -14.07 5.85 -32.65
CA VAL A 24 -14.99 6.90 -32.27
C VAL A 24 -15.63 7.50 -33.51
N ASN A 25 -16.74 8.21 -33.31
CA ASN A 25 -17.29 9.00 -34.40
C ASN A 25 -17.53 10.44 -33.95
N ASP A 26 -18.27 11.22 -34.74
CA ASP A 26 -18.37 12.66 -34.52
C ASP A 26 -19.32 13.05 -33.40
N LYS A 27 -20.17 12.14 -32.91
CA LYS A 27 -21.04 12.50 -31.80
C LYS A 27 -20.31 12.46 -30.45
N LEU A 28 -19.02 12.11 -30.43
CA LEU A 28 -18.29 11.99 -29.18
C LEU A 28 -18.04 13.36 -28.54
N GLU A 29 -18.41 13.49 -27.28
CA GLU A 29 -18.11 14.67 -26.47
C GLU A 29 -17.53 14.21 -25.15
N ARG A 30 -16.73 15.07 -24.52
CA ARG A 30 -16.27 14.72 -23.18
C ARG A 30 -17.47 14.59 -22.24
N TYR A 31 -17.30 13.74 -21.24
CA TYR A 31 -18.40 13.22 -20.43
C TYR A 31 -18.35 13.88 -19.06
N ALA A 32 -19.47 14.45 -18.61
CA ALA A 32 -19.52 15.06 -17.27
C ALA A 32 -19.58 13.96 -16.22
N GLU A 33 -18.65 13.98 -15.25
CA GLU A 33 -18.55 12.89 -14.27
C GLU A 33 -19.84 12.69 -13.49
N VAL A 34 -20.62 13.74 -13.28
CA VAL A 34 -21.87 13.62 -12.54
C VAL A 34 -22.82 12.62 -13.19
N ARG A 35 -22.62 12.31 -14.48
CA ARG A 35 -23.48 11.37 -15.17
C ARG A 35 -23.29 9.91 -14.74
N THR A 36 -22.25 9.58 -13.98
CA THR A 36 -22.08 8.18 -13.59
C THR A 36 -23.22 7.76 -12.67
N ALA A 37 -23.52 6.46 -12.67
CA ALA A 37 -24.66 5.98 -11.91
C ALA A 37 -24.49 6.25 -10.41
N PHE A 38 -23.25 6.27 -9.93
CA PHE A 38 -22.98 6.58 -8.52
C PHE A 38 -23.48 7.96 -8.12
N THR A 39 -23.46 8.90 -9.05
CA THR A 39 -23.66 10.30 -8.71
C THR A 39 -24.90 10.92 -9.32
N HIS A 40 -25.40 10.41 -10.44
CA HIS A 40 -26.45 11.14 -11.14
C HIS A 40 -27.78 11.04 -10.38
N PRO A 41 -28.57 12.12 -10.34
CA PRO A 41 -29.83 12.08 -9.59
C PRO A 41 -30.79 11.00 -10.03
N THR A 42 -30.76 10.58 -11.31
CA THR A 42 -31.70 9.59 -11.78
C THR A 42 -31.41 8.21 -11.21
N SER A 43 -30.17 7.94 -10.80
CA SER A 43 -29.75 6.63 -10.36
C SER A 43 -29.35 6.61 -8.90
N PHE A 44 -29.20 7.79 -8.29
CA PHE A 44 -28.55 7.91 -6.99
C PHE A 44 -29.41 7.34 -5.87
N PHE A 45 -30.73 7.39 -6.02
CA PHE A 45 -31.66 6.97 -4.98
C PHE A 45 -32.18 5.58 -5.27
N LYS A 46 -32.04 4.67 -4.31
CA LYS A 46 -32.53 3.31 -4.41
C LYS A 46 -33.26 2.92 -3.12
N PRO A 47 -34.25 2.05 -3.22
CA PRO A 47 -34.94 1.61 -2.01
C PRO A 47 -34.07 0.64 -1.21
N ASN A 48 -34.29 0.61 0.10
CA ASN A 48 -33.66 -0.42 0.93
C ASN A 48 -34.63 -1.59 1.06
N TYR A 49 -34.28 -2.59 1.88
CA TYR A 49 -35.12 -3.78 1.90
C TYR A 49 -36.48 -3.54 2.56
N LYS A 50 -36.66 -2.42 3.26
CA LYS A 50 -37.96 -2.03 3.77
C LYS A 50 -38.72 -1.11 2.83
N GLY A 51 -38.22 -0.92 1.61
CA GLY A 51 -38.86 -0.04 0.66
C GLY A 51 -38.59 1.44 0.84
N GLU A 52 -37.73 1.83 1.77
CA GLU A 52 -37.42 3.23 1.98
C GLU A 52 -36.40 3.71 0.96
N VAL A 53 -36.67 4.86 0.33
CA VAL A 53 -35.80 5.37 -0.73
C VAL A 53 -34.70 6.23 -0.13
N LYS A 54 -33.46 5.89 -0.43
CA LYS A 54 -32.33 6.54 0.21
C LYS A 54 -31.21 6.68 -0.80
N PRO A 55 -30.18 7.48 -0.52
CA PRO A 55 -28.93 7.34 -1.26
C PRO A 55 -28.52 5.88 -1.32
N TRP A 56 -28.08 5.43 -2.49
CA TRP A 56 -27.93 4.01 -2.74
C TRP A 56 -27.00 3.35 -1.73
N PHE A 57 -25.89 4.02 -1.37
CA PHE A 57 -24.96 3.37 -0.46
C PHE A 57 -25.53 3.28 0.96
N LEU A 58 -26.45 4.17 1.33
CA LEU A 58 -27.11 4.03 2.62
C LEU A 58 -28.09 2.85 2.62
N SER A 59 -28.81 2.64 1.50
CA SER A 59 -29.64 1.45 1.41
C SER A 59 -28.81 0.19 1.44
N ALA A 60 -27.63 0.23 0.83
CA ALA A 60 -26.71 -0.90 0.88
C ALA A 60 -26.23 -1.16 2.30
N TYR A 61 -25.89 -0.09 3.04
CA TYR A 61 -25.58 -0.22 4.46
C TYR A 61 -26.66 -0.97 5.21
N ASP A 62 -27.93 -0.60 4.99
CA ASP A 62 -29.01 -1.27 5.72
C ASP A 62 -29.00 -2.76 5.44
N GLU A 63 -28.66 -3.17 4.22
CA GLU A 63 -28.63 -4.59 3.89
C GLU A 63 -27.43 -5.29 4.53
N LYS A 64 -26.26 -4.62 4.62
CA LYS A 64 -25.14 -5.22 5.35
C LYS A 64 -25.49 -5.49 6.80
N VAL A 65 -26.11 -4.50 7.46
CA VAL A 65 -26.54 -4.65 8.84
C VAL A 65 -27.48 -5.84 8.98
N ARG A 66 -28.48 -5.91 8.09
CA ARG A 66 -29.45 -7.01 8.16
C ARG A 66 -28.76 -8.36 8.00
N GLN A 67 -27.79 -8.45 7.09
CA GLN A 67 -27.10 -9.72 6.86
C GLN A 67 -26.29 -10.15 8.07
N ILE A 68 -25.54 -9.22 8.68
CA ILE A 68 -24.80 -9.57 9.88
C ILE A 68 -25.75 -10.07 10.96
N GLU A 69 -26.83 -9.33 11.20
CA GLU A 69 -27.80 -9.74 12.20
C GLU A 69 -28.39 -11.12 11.90
N ASN A 70 -28.50 -11.49 10.62
CA ASN A 70 -29.08 -12.77 10.25
C ASN A 70 -28.02 -13.82 9.94
N GLY A 71 -26.75 -13.53 10.23
CA GLY A 71 -25.68 -14.47 9.99
C GLY A 71 -25.50 -14.83 8.53
N GLU A 72 -25.50 -13.82 7.65
CA GLU A 72 -25.31 -14.04 6.22
C GLU A 72 -24.10 -13.27 5.71
N ASN A 73 -23.42 -13.85 4.73
CA ASN A 73 -22.30 -13.20 4.03
C ASN A 73 -22.71 -12.53 2.74
N GLY A 74 -23.99 -12.60 2.38
CA GLY A 74 -24.48 -12.03 1.15
C GLY A 74 -25.93 -12.42 0.99
N PRO A 75 -26.54 -12.07 -0.16
CA PRO A 75 -27.98 -12.27 -0.33
C PRO A 75 -28.33 -13.75 -0.38
N LYS A 76 -29.17 -14.20 0.57
CA LYS A 76 -29.56 -15.60 0.71
C LYS A 76 -28.36 -16.52 0.86
N MET A 77 -27.25 -16.01 1.38
CA MET A 77 -26.04 -16.79 1.55
C MET A 77 -25.75 -16.85 3.05
N LYS A 78 -26.12 -17.93 3.70
CA LYS A 78 -25.88 -18.07 5.13
C LYS A 78 -24.38 -18.16 5.40
N ALA A 79 -23.92 -17.45 6.42
CA ALA A 79 -22.55 -17.58 6.88
C ALA A 79 -22.44 -18.76 7.84
N LYS A 80 -21.20 -19.11 8.19
CA LYS A 80 -20.99 -20.14 9.21
C LYS A 80 -21.65 -19.75 10.53
N ASN A 81 -21.59 -18.46 10.88
CA ASN A 81 -22.27 -17.93 12.05
C ASN A 81 -22.23 -16.40 11.96
N VAL A 82 -22.81 -15.75 12.96
CA VAL A 82 -22.84 -14.28 12.94
C VAL A 82 -21.43 -13.70 12.98
N GLY A 83 -20.54 -14.34 13.73
CA GLY A 83 -19.17 -13.84 13.82
C GLY A 83 -18.48 -13.82 12.47
N GLU A 84 -18.69 -14.85 11.66
CA GLU A 84 -18.11 -14.84 10.31
C GLU A 84 -18.71 -13.74 9.47
N ALA A 85 -20.04 -13.60 9.51
CA ALA A 85 -20.69 -12.52 8.77
C ALA A 85 -20.11 -11.17 9.18
N ARG A 86 -19.92 -10.97 10.48
CA ARG A 86 -19.36 -9.72 10.97
C ARG A 86 -17.93 -9.53 10.50
N ALA A 87 -17.14 -10.60 10.49
CA ALA A 87 -15.73 -10.49 10.11
C ALA A 87 -15.60 -10.05 8.66
N GLY A 88 -16.47 -10.55 7.77
CA GLY A 88 -16.37 -10.16 6.37
C GLY A 88 -16.61 -8.68 6.17
N ARG A 89 -17.61 -8.14 6.86
CA ARG A 89 -17.90 -6.72 6.73
C ARG A 89 -16.86 -5.85 7.42
N ALA A 90 -16.27 -6.35 8.51
CA ALA A 90 -15.19 -5.61 9.15
C ALA A 90 -13.98 -5.50 8.22
N LEU A 91 -13.66 -6.59 7.54
CA LEU A 91 -12.55 -6.56 6.58
C LEU A 91 -12.85 -5.63 5.42
N GLU A 92 -14.08 -5.70 4.89
CA GLU A 92 -14.48 -4.79 3.82
C GLU A 92 -14.36 -3.33 4.28
N ALA A 93 -14.94 -2.99 5.44
CA ALA A 93 -14.91 -1.60 5.89
C ALA A 93 -13.49 -1.12 6.09
N ALA A 94 -12.65 -1.95 6.71
CA ALA A 94 -11.26 -1.56 6.95
C ALA A 94 -10.50 -1.33 5.65
N GLY A 95 -10.82 -2.10 4.61
CA GLY A 95 -10.10 -1.96 3.34
C GLY A 95 -10.09 -0.54 2.81
N TRP A 96 -11.16 0.21 3.04
CA TRP A 96 -11.34 1.56 2.51
C TRP A 96 -10.58 2.64 3.29
N THR A 97 -9.70 2.26 4.22
CA THR A 97 -9.14 3.23 5.17
C THR A 97 -8.49 4.42 4.47
N LEU A 98 -7.81 4.21 3.35
CA LEU A 98 -7.12 5.30 2.66
C LEU A 98 -7.87 5.79 1.42
N ASP A 99 -9.19 5.84 1.48
CA ASP A 99 -9.99 6.24 0.34
C ASP A 99 -11.13 7.13 0.83
N ILE A 100 -11.37 8.23 0.13
CA ILE A 100 -12.37 9.21 0.53
C ILE A 100 -13.66 8.95 -0.26
N ASN A 101 -14.76 8.72 0.47
CA ASN A 101 -16.11 8.64 -0.09
C ASN A 101 -16.20 7.77 -1.33
N TYR A 102 -15.57 6.59 -1.28
CA TYR A 102 -15.69 5.55 -2.30
C TYR A 102 -15.18 6.03 -3.66
N GLY A 103 -13.86 6.22 -3.71
CA GLY A 103 -13.17 6.33 -4.97
C GLY A 103 -12.18 7.47 -5.10
N ASN A 104 -12.09 8.34 -4.09
CA ASN A 104 -11.15 9.47 -4.15
C ASN A 104 -11.41 10.35 -5.37
N ILE A 105 -12.68 10.59 -5.73
CA ILE A 105 -12.92 11.24 -7.01
C ILE A 105 -12.75 12.76 -6.98
N TYR A 106 -12.85 13.40 -5.81
CA TYR A 106 -12.72 14.88 -5.77
C TYR A 106 -11.30 15.28 -6.14
N PRO A 107 -11.09 16.01 -7.24
CA PRO A 107 -9.72 16.38 -7.60
C PRO A 107 -9.16 17.45 -6.67
N ASN A 108 -7.86 17.33 -6.38
CA ASN A 108 -7.14 18.33 -5.57
C ASN A 108 -7.78 18.50 -4.20
N ARG A 109 -8.32 17.42 -3.63
CA ARG A 109 -8.78 17.39 -2.25
C ARG A 109 -8.18 16.18 -1.56
N PHE A 110 -7.99 16.31 -0.24
CA PHE A 110 -7.59 15.21 0.62
C PHE A 110 -6.33 14.53 0.11
N PHE A 111 -6.45 13.29 -0.38
CA PHE A 111 -5.27 12.57 -0.87
C PHE A 111 -4.88 12.93 -2.30
N MET A 112 -5.80 13.55 -3.05
CA MET A 112 -5.62 13.76 -4.49
C MET A 112 -5.07 15.14 -4.81
N LEU A 113 -4.10 15.63 -4.04
CA LEU A 113 -3.61 16.98 -4.27
C LEU A 113 -2.88 17.10 -5.61
N TRP A 114 -3.14 18.20 -6.32
CA TRP A 114 -2.52 18.43 -7.62
C TRP A 114 -1.15 19.04 -7.53
N SER A 115 -0.79 19.57 -6.36
CA SER A 115 0.56 20.00 -6.05
C SER A 115 1.04 19.28 -4.79
N GLY A 116 2.33 18.99 -4.74
CA GLY A 116 2.87 18.40 -3.53
C GLY A 116 3.23 19.40 -2.44
N GLU A 117 3.04 20.69 -2.68
CA GLU A 117 3.65 21.71 -1.83
C GLU A 117 3.23 21.60 -0.37
N THR A 118 1.96 21.28 -0.10
CA THR A 118 1.48 21.30 1.28
C THR A 118 1.61 19.95 1.98
N MET A 119 2.04 18.90 1.27
CA MET A 119 2.10 17.59 1.89
C MET A 119 3.17 17.54 2.97
N THR A 120 2.91 16.75 4.02
CA THR A 120 3.88 16.63 5.12
C THR A 120 5.23 16.12 4.60
N ASN A 121 5.21 15.16 3.67
CA ASN A 121 6.46 14.62 3.14
C ASN A 121 7.25 15.69 2.38
N THR A 122 6.56 16.49 1.56
CA THR A 122 7.25 17.56 0.83
C THR A 122 7.87 18.57 1.80
N GLN A 123 7.12 18.98 2.83
CA GLN A 123 7.65 19.92 3.82
C GLN A 123 8.88 19.37 4.50
N LEU A 124 8.85 18.08 4.89
CA LEU A 124 9.99 17.49 5.60
C LEU A 124 11.24 17.47 4.74
N TRP A 125 11.07 17.22 3.44
CA TRP A 125 12.16 17.12 2.47
C TRP A 125 12.52 18.46 1.83
N ALA A 126 11.81 19.53 2.17
CA ALA A 126 12.03 20.82 1.51
C ALA A 126 13.51 21.25 1.45
N PRO A 127 14.35 21.06 2.48
CA PRO A 127 15.74 21.54 2.35
C PRO A 127 16.53 20.89 1.23
N VAL A 128 16.15 19.70 0.77
CA VAL A 128 16.88 19.10 -0.34
C VAL A 128 16.50 19.76 -1.67
N GLY A 129 15.31 20.34 -1.76
CA GLY A 129 14.91 21.06 -2.95
C GLY A 129 14.55 20.23 -4.15
N LEU A 130 14.27 18.93 -3.98
CA LEU A 130 14.06 18.06 -5.14
C LEU A 130 12.88 18.51 -5.99
N ASP A 131 11.87 19.10 -5.38
CA ASP A 131 10.70 19.55 -6.12
C ASP A 131 10.90 20.92 -6.76
N ARG A 132 11.97 21.62 -6.40
CA ARG A 132 12.25 22.94 -6.97
C ARG A 132 13.42 22.95 -7.96
N ARG A 133 14.23 21.91 -7.98
CA ARG A 133 15.38 21.81 -8.87
C ARG A 133 14.92 21.35 -10.26
N PRO A 134 15.36 22.00 -11.33
CA PRO A 134 14.96 21.57 -12.69
C PRO A 134 15.37 20.14 -12.95
N PRO A 135 14.69 19.45 -13.87
CA PRO A 135 14.99 18.02 -14.09
C PRO A 135 16.44 17.83 -14.51
N ASP A 136 17.06 16.77 -13.98
CA ASP A 136 18.37 16.34 -14.45
C ASP A 136 18.29 15.29 -15.54
N THR A 137 17.11 14.76 -15.82
CA THR A 137 16.90 13.83 -16.91
C THR A 137 15.72 14.32 -17.75
N THR A 138 15.93 14.48 -19.05
CA THR A 138 14.84 14.79 -19.97
C THR A 138 14.64 13.72 -21.04
N ASP A 139 15.50 12.72 -21.07
CA ASP A 139 15.41 11.67 -22.07
C ASP A 139 14.22 10.77 -21.74
N PRO A 140 13.21 10.71 -22.61
CA PRO A 140 12.01 9.90 -22.28
C PRO A 140 12.32 8.43 -22.09
N VAL A 141 13.38 7.93 -22.72
CA VAL A 141 13.72 6.51 -22.57
C VAL A 141 14.15 6.21 -21.14
N GLU A 142 15.09 6.98 -20.61
CA GLU A 142 15.51 6.76 -19.22
C GLU A 142 14.38 7.08 -18.24
N LEU A 143 13.60 8.13 -18.53
CA LEU A 143 12.51 8.51 -17.63
C LEU A 143 11.48 7.40 -17.55
N THR A 144 11.18 6.77 -18.68
CA THR A 144 10.20 5.68 -18.69
C THR A 144 10.68 4.53 -17.82
N ASN A 145 11.97 4.20 -17.90
CA ASN A 145 12.51 3.15 -17.04
C ASN A 145 12.44 3.52 -15.57
N TYR A 146 12.87 4.75 -15.24
CA TYR A 146 12.81 5.22 -13.84
C TYR A 146 11.37 5.19 -13.32
N VAL A 147 10.44 5.78 -14.06
CA VAL A 147 9.09 5.91 -13.51
C VAL A 147 8.39 4.55 -13.43
N LYS A 148 8.68 3.62 -14.33
CA LYS A 148 8.05 2.31 -14.22
C LYS A 148 8.62 1.52 -13.05
N PHE A 149 9.93 1.63 -12.81
CA PHE A 149 10.52 1.01 -11.61
C PHE A 149 9.86 1.57 -10.36
N ALA A 150 9.75 2.90 -10.28
CA ALA A 150 9.07 3.52 -9.14
C ALA A 150 7.63 3.04 -9.00
N ALA A 151 6.92 2.91 -10.12
CA ALA A 151 5.55 2.41 -10.09
C ALA A 151 5.46 1.03 -9.46
N ARG A 152 6.42 0.14 -9.75
CA ARG A 152 6.33 -1.19 -9.16
C ARG A 152 6.59 -1.13 -7.66
N MET A 153 7.60 -0.36 -7.24
CA MET A 153 7.80 -0.08 -5.82
C MET A 153 6.52 0.44 -5.18
N ALA A 154 5.75 1.25 -5.91
CA ALA A 154 4.57 1.90 -5.37
C ALA A 154 3.33 1.01 -5.41
N GLY A 155 3.46 -0.26 -5.75
CA GLY A 155 2.37 -1.20 -5.60
C GLY A 155 1.64 -1.55 -6.88
N ALA A 156 2.09 -1.08 -8.03
CA ALA A 156 1.47 -1.46 -9.29
C ALA A 156 1.90 -2.87 -9.67
N ASP A 157 0.93 -3.68 -10.07
CA ASP A 157 1.22 -4.99 -10.66
C ASP A 157 1.41 -4.90 -12.17
N LEU A 158 0.75 -3.93 -12.80
CA LEU A 158 0.90 -3.62 -14.22
C LEU A 158 1.12 -2.12 -14.30
N VAL A 159 1.94 -1.66 -15.25
CA VAL A 159 2.07 -0.23 -15.47
C VAL A 159 2.24 0.00 -16.97
N GLY A 160 1.63 1.08 -17.47
CA GLY A 160 1.77 1.40 -18.88
C GLY A 160 1.68 2.90 -19.06
N VAL A 161 2.15 3.37 -20.22
CA VAL A 161 2.19 4.80 -20.56
C VAL A 161 1.44 5.03 -21.85
N ALA A 162 0.63 6.10 -21.90
CA ALA A 162 0.00 6.54 -23.14
C ALA A 162 0.10 8.05 -23.24
N ARG A 163 0.08 8.55 -24.48
CA ARG A 163 -0.25 9.97 -24.63
C ARG A 163 -1.65 10.20 -24.09
N LEU A 164 -1.86 11.36 -23.49
CA LEU A 164 -3.15 11.69 -22.88
C LEU A 164 -4.16 12.03 -23.97
N ASN A 165 -5.23 11.24 -24.06
CA ASN A 165 -6.34 11.52 -24.95
C ASN A 165 -7.40 12.24 -24.13
N ARG A 166 -7.62 13.52 -24.45
CA ARG A 166 -8.54 14.34 -23.67
C ARG A 166 -9.99 13.90 -23.81
N ASN A 167 -10.31 13.07 -24.80
CA ASN A 167 -11.69 12.57 -24.93
C ASN A 167 -12.13 11.86 -23.67
N TRP A 168 -11.21 11.26 -22.93
CA TRP A 168 -11.56 10.45 -21.77
C TRP A 168 -11.47 11.22 -20.47
N VAL A 169 -11.00 12.47 -20.49
CA VAL A 169 -11.00 13.32 -19.31
C VAL A 169 -12.39 13.92 -19.14
N TYR A 170 -12.93 13.85 -17.92
CA TYR A 170 -14.27 14.36 -17.66
C TYR A 170 -14.36 15.83 -18.04
N SER A 171 -15.48 16.22 -18.65
CA SER A 171 -15.68 17.64 -18.96
C SER A 171 -15.80 18.46 -17.69
N GLU A 172 -16.48 17.90 -16.69
CA GLU A 172 -16.65 18.50 -15.38
C GLU A 172 -16.47 17.40 -14.34
N ALA A 173 -15.72 17.70 -13.29
CA ALA A 173 -15.53 16.77 -12.18
C ALA A 173 -16.61 16.97 -11.12
N VAL A 174 -16.85 15.91 -10.35
CA VAL A 174 -17.56 16.01 -9.08
C VAL A 174 -16.54 16.35 -7.99
N THR A 175 -16.83 17.37 -7.20
CA THR A 175 -15.88 17.77 -6.17
C THR A 175 -16.65 18.47 -5.04
N ILE A 176 -15.91 19.06 -4.11
CA ILE A 176 -16.50 19.89 -3.06
C ILE A 176 -15.76 21.22 -3.01
N PRO A 177 -16.41 22.27 -2.51
CA PRO A 177 -15.69 23.54 -2.36
C PRO A 177 -14.53 23.39 -1.40
N ALA A 178 -13.49 24.19 -1.62
CA ALA A 178 -12.25 24.05 -0.85
C ALA A 178 -12.44 24.34 0.63
N ASP A 179 -13.46 25.10 1.02
CA ASP A 179 -13.65 25.45 2.42
C ASP A 179 -14.56 24.46 3.17
N VAL A 180 -14.93 23.35 2.56
CA VAL A 180 -15.91 22.42 3.13
C VAL A 180 -15.16 21.31 3.86
N PRO A 181 -15.39 21.11 5.16
CA PRO A 181 -14.71 20.03 5.89
C PRO A 181 -15.24 18.67 5.49
N TYR A 182 -14.50 17.61 5.87
CA TYR A 182 -14.90 16.27 5.46
C TYR A 182 -16.31 15.93 5.92
N GLU A 183 -16.66 16.30 7.17
CA GLU A 183 -17.95 15.92 7.74
C GLU A 183 -19.14 16.35 6.88
N GLN A 184 -19.00 17.43 6.12
CA GLN A 184 -20.08 17.90 5.26
C GLN A 184 -19.89 17.57 3.78
N SER A 185 -18.83 16.84 3.42
CA SER A 185 -18.49 16.63 2.01
C SER A 185 -19.64 16.02 1.22
N LEU A 186 -20.27 14.96 1.75
CA LEU A 186 -21.31 14.28 1.00
C LEU A 186 -22.53 15.14 0.75
N HIS A 187 -22.77 16.16 1.57
CA HIS A 187 -23.91 17.04 1.41
C HIS A 187 -23.62 18.27 0.58
N LYS A 188 -22.35 18.47 0.18
CA LYS A 188 -21.93 19.71 -0.46
C LYS A 188 -21.23 19.46 -1.80
N GLU A 189 -21.45 18.32 -2.43
CA GLU A 189 -20.77 18.05 -3.69
C GLU A 189 -21.26 19.01 -4.77
N ILE A 190 -20.34 19.39 -5.67
CA ILE A 190 -20.62 20.33 -6.75
C ILE A 190 -19.98 19.78 -8.02
N GLU A 191 -20.26 20.41 -9.15
CA GLU A 191 -19.50 20.14 -10.36
C GLU A 191 -18.51 21.27 -10.63
N LYS A 192 -17.37 20.91 -11.20
CA LYS A 192 -16.38 21.91 -11.56
C LYS A 192 -15.72 21.55 -12.89
N PRO A 193 -15.64 22.48 -13.85
CA PRO A 193 -15.05 22.18 -15.15
C PRO A 193 -13.57 21.80 -15.05
N ILE A 194 -13.16 20.85 -15.88
CA ILE A 194 -11.76 20.52 -16.11
C ILE A 194 -11.36 21.07 -17.47
N VAL A 195 -10.41 22.01 -17.48
CA VAL A 195 -10.04 22.73 -18.70
C VAL A 195 -8.53 22.63 -18.89
N PHE A 196 -8.10 22.83 -20.13
CA PHE A 196 -6.70 22.78 -20.51
C PHE A 196 -6.27 24.17 -20.96
N LYS A 197 -5.24 24.72 -20.32
CA LYS A 197 -4.83 26.08 -20.61
C LYS A 197 -3.31 26.18 -20.66
N ASP A 198 -2.83 27.28 -21.23
CA ASP A 198 -1.40 27.57 -21.31
C ASP A 198 -0.94 28.13 -19.97
N VAL A 199 -0.71 27.23 -19.03
CA VAL A 199 -0.21 27.60 -17.71
C VAL A 199 0.95 26.66 -17.38
N PRO A 200 1.87 27.09 -16.50
CA PRO A 200 3.04 26.24 -16.25
C PRO A 200 2.74 25.03 -15.37
N LEU A 201 1.78 25.13 -14.46
CA LEU A 201 1.55 24.06 -13.48
C LEU A 201 0.07 23.80 -13.29
N PRO A 202 -0.30 22.57 -12.91
CA PRO A 202 -1.70 22.30 -12.55
C PRO A 202 -2.16 23.24 -11.46
N ILE A 203 -3.32 23.85 -11.66
CA ILE A 203 -3.79 24.91 -10.77
C ILE A 203 -5.31 24.83 -10.73
N GLU A 204 -5.87 25.18 -9.57
CA GLU A 204 -7.32 25.22 -9.38
C GLU A 204 -7.69 26.63 -8.95
N THR A 205 -8.69 27.21 -9.62
CA THR A 205 -9.26 28.49 -9.26
C THR A 205 -10.65 28.25 -8.67
N ASP A 206 -11.32 29.33 -8.29
CA ASP A 206 -12.68 29.19 -7.78
C ASP A 206 -13.60 28.56 -8.82
N ASP A 207 -13.34 28.77 -10.10
CA ASP A 207 -14.27 28.31 -11.14
C ASP A 207 -13.79 27.10 -11.95
N GLU A 208 -12.48 26.81 -12.01
CA GLU A 208 -12.02 25.74 -12.89
C GLU A 208 -10.87 24.97 -12.29
N LEU A 209 -10.77 23.69 -12.68
CA LEU A 209 -9.59 22.86 -12.50
C LEU A 209 -8.79 22.92 -13.81
N ILE A 210 -7.56 23.42 -13.74
CA ILE A 210 -6.80 23.74 -14.93
C ILE A 210 -5.64 22.77 -15.06
N ILE A 211 -5.67 21.97 -16.11
CA ILE A 211 -4.58 21.08 -16.48
C ILE A 211 -3.74 21.79 -17.53
N PRO A 212 -2.43 21.83 -17.40
CA PRO A 212 -1.62 22.55 -18.40
C PRO A 212 -1.64 21.84 -19.75
N ASN A 213 -1.55 22.65 -20.81
CA ASN A 213 -1.43 22.10 -22.16
C ASN A 213 -0.19 21.23 -22.32
N THR A 214 0.83 21.42 -21.48
CA THR A 214 2.02 20.59 -21.50
C THR A 214 1.82 19.21 -20.89
N CYS A 215 0.62 18.90 -20.40
CA CYS A 215 0.39 17.62 -19.71
C CYS A 215 0.20 16.55 -20.77
N GLU A 216 1.31 15.95 -21.20
CA GLU A 216 1.35 15.16 -22.42
C GLU A 216 0.93 13.71 -22.21
N ASN A 217 1.21 13.14 -21.03
CA ASN A 217 1.20 11.70 -20.84
C ASN A 217 0.33 11.29 -19.66
N VAL A 218 -0.15 10.06 -19.71
CA VAL A 218 -0.84 9.44 -18.59
C VAL A 218 -0.14 8.12 -18.30
N ILE A 219 0.13 7.86 -17.03
CA ILE A 219 0.69 6.60 -16.56
C ILE A 219 -0.44 5.81 -15.91
N VAL A 220 -0.66 4.58 -16.36
CA VAL A 220 -1.78 3.77 -15.91
C VAL A 220 -1.25 2.59 -15.11
N ALA A 221 -1.81 2.36 -13.94
CA ALA A 221 -1.40 1.26 -13.08
C ALA A 221 -2.54 0.25 -12.95
N GLY A 222 -2.19 -1.03 -12.99
CA GLY A 222 -3.11 -2.09 -12.61
C GLY A 222 -2.76 -2.63 -11.23
N ILE A 223 -3.78 -2.75 -10.39
N ILE A 223 -3.79 -2.74 -10.39
CA ILE A 223 -3.65 -3.15 -9.00
CA ILE A 223 -3.67 -3.15 -8.99
C ILE A 223 -4.44 -4.46 -8.84
C ILE A 223 -4.45 -4.45 -8.83
N ALA A 224 -3.73 -5.58 -8.75
CA ALA A 224 -4.40 -6.89 -8.84
C ALA A 224 -5.24 -7.20 -7.61
N MET A 225 -6.48 -7.65 -7.85
CA MET A 225 -7.34 -8.14 -6.77
C MET A 225 -7.10 -9.63 -6.52
N ASN A 226 -7.71 -10.13 -5.46
CA ASN A 226 -7.47 -11.51 -5.04
C ASN A 226 -8.50 -12.43 -5.69
N ARG A 227 -8.02 -13.50 -6.33
CA ARG A 227 -8.91 -14.38 -7.09
C ARG A 227 -9.92 -15.10 -6.19
N GLU A 228 -9.45 -15.70 -5.10
CA GLU A 228 -10.35 -16.47 -4.24
C GLU A 228 -11.43 -15.58 -3.64
N MET A 229 -11.07 -14.36 -3.24
CA MET A 229 -12.07 -13.46 -2.66
C MET A 229 -13.05 -12.96 -3.72
N MET A 230 -12.58 -12.61 -4.92
CA MET A 230 -13.51 -12.15 -5.94
C MET A 230 -14.48 -13.24 -6.37
N GLN A 231 -14.06 -14.50 -6.34
CA GLN A 231 -14.98 -15.56 -6.73
C GLN A 231 -16.08 -15.79 -5.71
N THR A 232 -16.06 -15.10 -4.56
CA THR A 232 -17.21 -15.11 -3.67
C THR A 232 -18.25 -14.07 -4.06
N ALA A 233 -18.04 -13.31 -5.13
CA ALA A 233 -19.03 -12.35 -5.61
C ALA A 233 -20.37 -13.05 -5.75
N PRO A 234 -21.47 -12.42 -5.32
CA PRO A 234 -21.66 -11.04 -4.83
C PRO A 234 -21.53 -10.89 -3.31
N ASN A 235 -20.81 -11.81 -2.66
CA ASN A 235 -20.79 -11.85 -1.20
C ASN A 235 -19.68 -10.96 -0.63
N SER A 236 -19.54 -10.98 0.70
CA SER A 236 -18.77 -9.93 1.36
C SER A 236 -17.28 -9.98 1.02
N MET A 237 -16.71 -11.17 0.79
CA MET A 237 -15.26 -11.18 0.62
C MET A 237 -14.85 -10.57 -0.71
N ALA A 238 -15.72 -10.57 -1.72
CA ALA A 238 -15.43 -9.83 -2.95
C ALA A 238 -15.40 -8.33 -2.68
N CYS A 239 -16.26 -7.85 -1.78
CA CYS A 239 -16.20 -6.45 -1.35
C CYS A 239 -14.87 -6.12 -0.71
N ALA A 240 -14.30 -7.05 0.07
CA ALA A 240 -13.07 -6.76 0.80
C ALA A 240 -11.88 -6.64 -0.13
N THR A 241 -11.75 -7.52 -1.13
CA THR A 241 -10.60 -7.35 -2.03
C THR A 241 -10.75 -6.08 -2.86
N THR A 242 -11.97 -5.73 -3.25
CA THR A 242 -12.22 -4.43 -3.88
C THR A 242 -11.74 -3.29 -2.99
N ALA A 243 -12.17 -3.29 -1.72
CA ALA A 243 -11.88 -2.17 -0.82
C ALA A 243 -10.38 -2.02 -0.59
N PHE A 244 -9.69 -3.11 -0.23
CA PHE A 244 -8.25 -3.01 0.01
C PHE A 244 -7.53 -2.44 -1.21
N CYS A 245 -7.98 -2.79 -2.41
CA CYS A 245 -7.27 -2.34 -3.60
C CYS A 245 -7.51 -0.85 -3.85
N TYR A 246 -8.64 -0.31 -3.37
CA TYR A 246 -8.80 1.14 -3.47
C TYR A 246 -7.78 1.88 -2.60
N SER A 247 -7.48 1.36 -1.42
CA SER A 247 -6.45 2.02 -0.62
C SER A 247 -5.06 1.82 -1.24
N ARG A 248 -4.82 0.66 -1.89
CA ARG A 248 -3.57 0.48 -2.63
C ARG A 248 -3.47 1.48 -3.78
N MET A 249 -4.59 1.75 -4.47
CA MET A 249 -4.56 2.76 -5.54
C MET A 249 -4.16 4.12 -5.00
N CYS A 250 -4.74 4.51 -3.86
CA CYS A 250 -4.43 5.81 -3.30
C CYS A 250 -2.95 5.94 -2.99
N MET A 251 -2.37 4.93 -2.35
N MET A 251 -2.37 4.94 -2.32
CA MET A 251 -0.95 5.00 -2.01
CA MET A 251 -0.95 4.97 -2.01
C MET A 251 -0.08 5.02 -3.26
C MET A 251 -0.12 5.05 -3.27
N PHE A 252 -0.48 4.28 -4.29
CA PHE A 252 0.24 4.33 -5.57
C PHE A 252 0.29 5.74 -6.11
N ASP A 253 -0.87 6.40 -6.23
CA ASP A 253 -0.95 7.74 -6.79
C ASP A 253 -0.04 8.69 -6.03
N MET A 254 -0.08 8.63 -4.70
CA MET A 254 0.66 9.60 -3.91
C MET A 254 2.15 9.33 -4.01
N TRP A 255 2.54 8.06 -3.87
CA TRP A 255 3.93 7.67 -4.04
C TRP A 255 4.46 8.12 -5.39
N LEU A 256 3.74 7.80 -6.47
CA LEU A 256 4.25 8.08 -7.80
C LEU A 256 4.26 9.58 -8.10
N CYS A 257 3.22 10.31 -7.69
CA CYS A 257 3.21 11.76 -7.91
C CYS A 257 4.40 12.41 -7.23
N GLN A 258 4.72 11.97 -6.01
CA GLN A 258 5.87 12.53 -5.30
C GLN A 258 7.18 12.18 -6.00
N PHE A 259 7.33 10.95 -6.49
CA PHE A 259 8.52 10.62 -7.26
C PHE A 259 8.66 11.55 -8.48
N ILE A 260 7.57 11.72 -9.24
CA ILE A 260 7.62 12.57 -10.43
C ILE A 260 7.96 14.00 -10.06
N ARG A 261 7.32 14.53 -9.01
CA ARG A 261 7.62 15.89 -8.56
C ARG A 261 9.08 16.04 -8.14
N TYR A 262 9.59 15.04 -7.42
CA TYR A 262 10.98 15.08 -6.99
C TYR A 262 11.96 14.85 -8.13
N MET A 263 11.47 14.44 -9.30
CA MET A 263 12.27 14.39 -10.51
C MET A 263 12.26 15.70 -11.28
N GLY A 264 11.46 16.67 -10.86
CA GLY A 264 11.43 17.97 -11.49
C GLY A 264 10.26 18.23 -12.41
N TYR A 265 9.25 17.37 -12.39
CA TYR A 265 8.06 17.49 -13.22
C TYR A 265 6.85 17.66 -12.31
N TYR A 266 5.67 17.87 -12.91
CA TYR A 266 4.45 17.89 -12.13
C TYR A 266 3.67 16.61 -12.39
N ALA A 267 2.74 16.30 -11.48
CA ALA A 267 1.99 15.07 -11.52
C ALA A 267 0.61 15.28 -10.90
N ILE A 268 -0.42 14.77 -11.56
CA ILE A 268 -1.80 14.88 -11.11
C ILE A 268 -2.30 13.48 -10.76
N PRO A 269 -2.67 13.21 -9.52
CA PRO A 269 -3.24 11.91 -9.16
C PRO A 269 -4.71 11.87 -9.56
N SER A 270 -5.32 10.69 -9.46
CA SER A 270 -6.74 10.66 -9.80
C SER A 270 -7.58 9.55 -9.16
N CYS A 271 -7.04 8.35 -8.98
CA CYS A 271 -7.83 7.19 -8.59
C CYS A 271 -9.09 7.09 -9.47
N ASN A 272 -10.30 7.12 -8.91
CA ASN A 272 -11.50 7.03 -9.73
C ASN A 272 -11.96 8.38 -10.31
N GLY A 273 -11.25 9.47 -10.02
CA GLY A 273 -11.62 10.77 -10.55
C GLY A 273 -10.95 11.10 -11.88
N VAL A 274 -11.21 12.34 -12.33
CA VAL A 274 -10.53 13.05 -13.42
C VAL A 274 -10.88 12.51 -14.80
N GLY A 275 -10.84 11.19 -14.99
CA GLY A 275 -11.09 10.64 -16.32
C GLY A 275 -11.43 9.17 -16.26
N GLN A 276 -11.70 8.60 -17.44
CA GLN A 276 -12.21 7.23 -17.56
C GLN A 276 -11.04 6.24 -17.64
N SER A 277 -10.84 5.50 -16.56
CA SER A 277 -9.65 4.66 -16.41
C SER A 277 -9.57 3.53 -17.46
N VAL A 278 -10.72 2.98 -17.87
CA VAL A 278 -10.68 1.86 -18.82
C VAL A 278 -10.12 2.30 -20.15
N ALA A 279 -10.52 3.49 -20.64
CA ALA A 279 -10.00 3.97 -21.91
C ALA A 279 -8.51 4.25 -21.84
N PHE A 280 -8.05 4.89 -20.75
CA PHE A 280 -6.61 5.11 -20.60
C PHE A 280 -5.86 3.79 -20.56
N ALA A 281 -6.38 2.80 -19.81
CA ALA A 281 -5.70 1.52 -19.71
C ALA A 281 -5.61 0.83 -21.06
N VAL A 282 -6.66 0.94 -21.88
CA VAL A 282 -6.60 0.36 -23.21
C VAL A 282 -5.55 1.07 -24.06
N GLU A 283 -5.50 2.40 -23.99
CA GLU A 283 -4.55 3.13 -24.84
C GLU A 283 -3.12 2.95 -24.38
N ALA A 284 -2.92 2.64 -23.11
CA ALA A 284 -1.60 2.37 -22.55
C ALA A 284 -1.20 0.91 -22.68
N GLY A 285 -2.06 0.06 -23.24
CA GLY A 285 -1.68 -1.31 -23.49
C GLY A 285 -1.81 -2.26 -22.32
N LEU A 286 -2.50 -1.88 -21.24
CA LEU A 286 -2.67 -2.85 -20.16
C LEU A 286 -3.54 -4.01 -20.62
N GLY A 287 -4.52 -3.73 -21.46
CA GLY A 287 -5.43 -4.77 -21.90
C GLY A 287 -6.39 -4.26 -22.95
N GLN A 288 -7.50 -4.99 -23.11
CA GLN A 288 -8.52 -4.63 -24.08
C GLN A 288 -9.87 -4.44 -23.40
N ALA A 289 -10.71 -3.59 -23.99
CA ALA A 289 -12.08 -3.44 -23.53
C ALA A 289 -12.85 -4.73 -23.79
N SER A 290 -13.91 -4.93 -23.00
CA SER A 290 -14.62 -6.21 -22.95
C SER A 290 -16.12 -5.98 -22.98
N ARG A 291 -16.87 -7.08 -23.13
CA ARG A 291 -18.33 -6.97 -23.09
C ARG A 291 -18.80 -6.37 -21.79
N MET A 292 -18.22 -6.79 -20.67
CA MET A 292 -18.69 -6.26 -19.39
C MET A 292 -18.36 -4.78 -19.26
N GLY A 293 -17.37 -4.29 -20.00
CA GLY A 293 -17.00 -2.90 -19.96
C GLY A 293 -15.67 -2.64 -19.28
N ALA A 294 -15.11 -3.65 -18.61
CA ALA A 294 -13.83 -3.51 -17.95
C ALA A 294 -12.68 -3.73 -18.91
N CYS A 295 -11.50 -3.30 -18.50
CA CYS A 295 -10.26 -3.63 -19.21
C CYS A 295 -9.82 -5.03 -18.81
N ILE A 296 -9.73 -5.95 -19.79
CA ILE A 296 -9.28 -7.32 -19.55
C ILE A 296 -7.79 -7.40 -19.85
N THR A 297 -7.01 -7.88 -18.87
CA THR A 297 -5.57 -7.97 -18.98
C THR A 297 -5.13 -9.43 -19.17
N PRO A 298 -4.02 -9.67 -19.84
CA PRO A 298 -3.57 -11.06 -19.97
C PRO A 298 -3.26 -11.72 -18.64
N GLU A 299 -2.74 -10.97 -17.66
CA GLU A 299 -2.28 -11.55 -16.41
C GLU A 299 -3.43 -11.84 -15.45
N PHE A 300 -4.41 -10.94 -15.39
CA PHE A 300 -5.46 -11.02 -14.37
C PHE A 300 -6.87 -11.03 -14.92
N GLY A 301 -7.05 -11.01 -16.23
CA GLY A 301 -8.35 -10.77 -16.80
C GLY A 301 -8.85 -9.42 -16.31
N PRO A 302 -10.16 -9.30 -16.08
CA PRO A 302 -10.70 -8.05 -15.52
C PRO A 302 -10.53 -7.93 -14.03
N ASN A 303 -9.93 -8.91 -13.34
CA ASN A 303 -9.87 -8.90 -11.88
C ASN A 303 -8.68 -8.08 -11.41
N VAL A 304 -8.72 -6.79 -11.75
CA VAL A 304 -7.61 -5.87 -11.52
C VAL A 304 -8.19 -4.47 -11.47
N ARG A 305 -7.75 -3.66 -10.49
CA ARG A 305 -8.20 -2.29 -10.43
C ARG A 305 -7.22 -1.39 -11.17
N LEU A 306 -7.70 -0.19 -11.51
CA LEU A 306 -6.96 0.77 -12.32
C LEU A 306 -6.86 2.08 -11.57
N THR A 307 -5.70 2.72 -11.65
CA THR A 307 -5.60 4.13 -11.30
C THR A 307 -4.66 4.76 -12.33
N LYS A 308 -4.49 6.08 -12.26
CA LYS A 308 -3.68 6.73 -13.29
C LYS A 308 -3.17 8.07 -12.78
N VAL A 309 -2.05 8.50 -13.36
CA VAL A 309 -1.37 9.74 -13.01
C VAL A 309 -1.05 10.47 -14.31
N PHE A 310 -1.30 11.77 -14.34
CA PHE A 310 -1.09 12.61 -15.52
C PHE A 310 0.15 13.47 -15.30
N THR A 311 0.97 13.64 -16.35
CA THR A 311 2.24 14.33 -16.12
C THR A 311 2.80 14.90 -17.41
N ASN A 312 3.64 15.93 -17.25
CA ASN A 312 4.43 16.47 -18.36
C ASN A 312 5.78 15.78 -18.51
N MET A 313 6.10 14.82 -17.64
CA MET A 313 7.35 14.10 -17.75
C MET A 313 7.46 13.45 -19.13
N PRO A 314 8.54 13.70 -19.88
CA PRO A 314 8.73 12.99 -21.15
C PRO A 314 8.80 11.48 -20.94
N LEU A 315 8.05 10.75 -21.76
CA LEU A 315 7.93 9.30 -21.61
C LEU A 315 7.75 8.67 -22.98
N VAL A 316 8.00 7.37 -23.07
CA VAL A 316 7.77 6.61 -24.29
C VAL A 316 6.42 5.91 -24.16
N PRO A 317 5.44 6.23 -24.99
CA PRO A 317 4.16 5.53 -24.91
C PRO A 317 4.31 4.05 -25.22
N ASP A 318 3.55 3.22 -24.51
CA ASP A 318 3.55 1.80 -24.82
C ASP A 318 2.63 1.52 -26.00
N LYS A 319 2.81 0.31 -26.60
CA LYS A 319 1.93 -0.06 -27.69
C LYS A 319 0.64 -0.68 -27.14
N PRO A 320 -0.50 -0.46 -27.78
CA PRO A 320 -1.70 -1.20 -27.38
C PRO A 320 -1.52 -2.70 -27.67
N ILE A 321 -2.37 -3.50 -27.05
CA ILE A 321 -2.27 -4.95 -27.17
C ILE A 321 -3.59 -5.47 -27.72
N ASP A 322 -3.51 -6.50 -28.56
CA ASP A 322 -4.73 -7.16 -29.04
C ASP A 322 -4.49 -8.66 -28.93
N PHE A 323 -5.03 -9.28 -27.88
CA PHE A 323 -4.90 -10.72 -27.73
C PHE A 323 -6.24 -11.43 -27.94
N GLY A 324 -7.13 -10.82 -28.73
CA GLY A 324 -8.35 -11.50 -29.15
C GLY A 324 -9.54 -11.34 -28.23
N VAL A 325 -9.50 -10.39 -27.28
CA VAL A 325 -10.59 -10.27 -26.32
C VAL A 325 -11.90 -9.96 -27.03
N THR A 326 -11.87 -9.01 -27.98
CA THR A 326 -13.08 -8.62 -28.68
C THR A 326 -13.75 -9.83 -29.30
N GLU A 327 -12.95 -10.71 -29.92
CA GLU A 327 -13.54 -11.86 -30.61
C GLU A 327 -14.08 -12.89 -29.64
N PHE A 328 -13.46 -13.03 -28.46
CA PHE A 328 -13.99 -13.95 -27.46
C PHE A 328 -15.26 -13.39 -26.82
N CYS A 329 -15.27 -12.08 -26.52
CA CYS A 329 -16.48 -11.46 -25.98
C CYS A 329 -17.64 -11.52 -26.96
N GLU A 330 -17.37 -11.54 -28.26
CA GLU A 330 -18.45 -11.59 -29.24
C GLU A 330 -19.25 -12.89 -29.12
N THR A 331 -18.60 -13.98 -28.71
CA THR A 331 -19.26 -15.29 -28.64
C THR A 331 -19.42 -15.82 -27.22
N CYS A 332 -18.82 -15.19 -26.22
CA CYS A 332 -18.84 -15.75 -24.87
C CYS A 332 -20.16 -15.47 -24.14
N LYS A 333 -20.36 -14.21 -23.72
CA LYS A 333 -21.57 -13.72 -23.05
C LYS A 333 -21.83 -14.35 -21.67
N LYS A 334 -20.83 -14.98 -21.03
CA LYS A 334 -21.07 -15.50 -19.68
C LYS A 334 -21.44 -14.39 -18.70
N CYS A 335 -20.72 -13.28 -18.72
CA CYS A 335 -21.04 -12.21 -17.79
C CYS A 335 -22.48 -11.72 -18.00
N ALA A 336 -22.89 -11.56 -19.26
CA ALA A 336 -24.26 -11.09 -19.51
C ALA A 336 -25.28 -12.09 -18.99
N ARG A 337 -25.01 -13.39 -19.13
CA ARG A 337 -26.00 -14.38 -18.70
C ARG A 337 -26.05 -14.52 -17.18
N GLU A 338 -24.92 -14.33 -16.50
CA GLU A 338 -24.89 -14.47 -15.05
C GLU A 338 -25.19 -13.18 -14.30
N CYS A 339 -25.17 -12.04 -14.97
CA CYS A 339 -25.40 -10.76 -14.29
C CYS A 339 -26.75 -10.77 -13.57
N PRO A 340 -26.79 -10.59 -12.23
CA PRO A 340 -28.08 -10.68 -11.53
C PRO A 340 -29.06 -9.57 -11.86
N SER A 341 -28.61 -8.49 -12.51
CA SER A 341 -29.48 -7.38 -12.86
C SER A 341 -29.74 -7.27 -14.36
N LYS A 342 -29.18 -8.15 -15.18
CA LYS A 342 -29.31 -8.06 -16.64
C LYS A 342 -28.82 -6.71 -17.17
N ALA A 343 -27.73 -6.20 -16.56
CA ALA A 343 -27.20 -4.90 -16.97
C ALA A 343 -26.34 -4.98 -18.22
N ILE A 344 -25.74 -6.13 -18.49
CA ILE A 344 -24.79 -6.29 -19.58
C ILE A 344 -25.52 -6.76 -20.82
N THR A 345 -25.31 -6.08 -21.94
CA THR A 345 -25.99 -6.42 -23.18
C THR A 345 -25.44 -7.73 -23.75
N GLU A 346 -26.34 -8.49 -24.39
CA GLU A 346 -25.94 -9.64 -25.19
C GLU A 346 -25.80 -9.29 -26.67
N GLY A 347 -25.98 -8.03 -27.03
CA GLY A 347 -26.01 -7.64 -28.41
C GLY A 347 -24.67 -7.13 -28.92
N PRO A 348 -24.69 -6.56 -30.12
CA PRO A 348 -23.45 -6.05 -30.73
C PRO A 348 -23.00 -4.74 -30.08
N ARG A 349 -21.74 -4.40 -30.31
CA ARG A 349 -21.23 -3.09 -29.95
C ARG A 349 -21.88 -2.00 -30.82
N THR A 350 -22.08 -0.82 -30.25
CA THR A 350 -22.59 0.32 -31.00
C THR A 350 -21.91 1.60 -30.51
N PHE A 351 -22.15 2.69 -31.23
CA PHE A 351 -21.73 4.03 -30.81
C PHE A 351 -22.80 4.78 -30.01
N GLU A 352 -23.97 4.17 -29.78
CA GLU A 352 -25.10 4.88 -29.17
C GLU A 352 -25.22 4.46 -27.71
N GLY A 353 -25.11 5.44 -26.82
CA GLY A 353 -25.24 5.13 -25.40
C GLY A 353 -26.59 4.53 -25.08
N ARG A 354 -26.59 3.59 -24.13
CA ARG A 354 -27.85 3.02 -23.67
C ARG A 354 -28.66 4.05 -22.88
N SER A 355 -27.98 4.85 -22.07
CA SER A 355 -28.65 5.87 -21.26
C SER A 355 -27.63 6.95 -20.95
N ILE A 356 -28.03 7.88 -20.06
CA ILE A 356 -27.17 9.00 -19.70
C ILE A 356 -25.83 8.54 -19.15
N HIS A 357 -25.76 7.33 -18.56
CA HIS A 357 -24.52 6.90 -17.92
C HIS A 357 -23.42 6.53 -18.91
N ASN A 358 -23.77 6.27 -20.17
CA ASN A 358 -22.79 5.92 -21.18
C ASN A 358 -22.36 7.16 -21.95
N GLN A 359 -21.08 7.21 -22.30
CA GLN A 359 -20.61 8.25 -23.22
C GLN A 359 -20.80 7.75 -24.65
N SER A 360 -21.69 8.38 -25.40
CA SER A 360 -21.91 7.99 -26.78
C SER A 360 -20.75 8.45 -27.67
N GLY A 361 -20.66 7.86 -28.85
CA GLY A 361 -19.64 8.23 -29.82
C GLY A 361 -18.38 7.41 -29.80
N LYS A 362 -18.33 6.33 -29.03
CA LYS A 362 -17.21 5.39 -29.06
C LYS A 362 -17.78 3.98 -29.15
N LEU A 363 -17.16 3.15 -29.98
CA LEU A 363 -17.65 1.79 -30.21
C LEU A 363 -17.36 0.92 -29.00
N GLN A 364 -18.41 0.42 -28.36
CA GLN A 364 -18.27 -0.38 -27.16
C GLN A 364 -19.57 -1.15 -26.97
N TRP A 365 -19.51 -2.17 -26.12
CA TRP A 365 -20.75 -2.79 -25.67
C TRP A 365 -21.40 -1.85 -24.66
N GLN A 366 -22.67 -1.52 -24.90
CA GLN A 366 -23.40 -0.52 -24.14
C GLN A 366 -24.22 -1.22 -23.08
N ASN A 367 -23.85 -1.03 -21.81
CA ASN A 367 -24.53 -1.65 -20.69
C ASN A 367 -25.34 -0.63 -19.91
N ASP A 368 -26.36 -1.13 -19.20
CA ASP A 368 -27.26 -0.30 -18.42
C ASP A 368 -26.73 -0.30 -16.99
N TYR A 369 -26.00 0.76 -16.64
CA TYR A 369 -25.31 0.82 -15.36
C TYR A 369 -26.22 1.26 -14.23
N ASN A 370 -27.43 1.76 -14.51
CA ASN A 370 -28.41 1.93 -13.45
C ASN A 370 -28.94 0.57 -12.98
N LYS A 371 -29.07 -0.38 -13.91
CA LYS A 371 -29.47 -1.73 -13.49
C LYS A 371 -28.39 -2.36 -12.62
N CYS A 372 -27.12 -2.23 -13.01
CA CYS A 372 -26.03 -2.74 -12.17
C CYS A 372 -26.10 -2.13 -10.78
N LEU A 373 -26.09 -0.80 -10.69
CA LEU A 373 -26.08 -0.16 -9.37
C LEU A 373 -27.28 -0.57 -8.55
N GLY A 374 -28.42 -0.80 -9.19
CA GLY A 374 -29.62 -1.20 -8.45
C GLY A 374 -29.44 -2.51 -7.70
N TYR A 375 -28.54 -3.37 -8.17
CA TYR A 375 -28.33 -4.65 -7.49
C TYR A 375 -27.46 -4.51 -6.24
N TRP A 376 -26.73 -3.40 -6.10
CA TRP A 376 -25.82 -3.26 -4.96
C TRP A 376 -26.57 -3.12 -3.64
N PRO A 377 -27.59 -2.26 -3.52
CA PRO A 377 -28.36 -2.27 -2.27
C PRO A 377 -29.07 -3.59 -2.03
N GLU A 378 -29.55 -4.25 -3.09
N GLU A 378 -29.56 -4.23 -3.09
CA GLU A 378 -30.24 -5.51 -2.93
CA GLU A 378 -30.23 -5.52 -2.94
C GLU A 378 -29.32 -6.60 -2.37
C GLU A 378 -29.30 -6.56 -2.33
N SER A 379 -28.05 -6.58 -2.76
CA SER A 379 -27.10 -7.60 -2.34
C SER A 379 -26.21 -7.15 -1.20
N GLY A 380 -26.20 -5.85 -0.88
CA GLY A 380 -25.37 -5.37 0.21
C GLY A 380 -23.89 -5.34 -0.09
N GLY A 381 -23.51 -5.33 -1.36
CA GLY A 381 -22.11 -5.31 -1.71
C GLY A 381 -21.83 -4.61 -3.02
N TYR A 382 -20.69 -4.90 -3.64
CA TYR A 382 -20.31 -4.29 -4.91
C TYR A 382 -20.38 -5.30 -6.04
N CYS A 383 -21.19 -6.34 -5.84
CA CYS A 383 -21.38 -7.45 -6.77
C CYS A 383 -20.03 -7.96 -7.29
N GLY A 384 -19.71 -7.74 -8.55
CA GLY A 384 -18.52 -8.33 -9.13
C GLY A 384 -18.72 -9.68 -9.78
N VAL A 385 -19.97 -10.12 -9.94
CA VAL A 385 -20.22 -11.44 -10.48
C VAL A 385 -19.65 -11.56 -11.89
N CYS A 386 -19.77 -10.48 -12.68
CA CYS A 386 -19.23 -10.47 -14.04
C CYS A 386 -17.71 -10.71 -14.04
N VAL A 387 -16.99 -10.04 -13.14
CA VAL A 387 -15.55 -10.28 -13.00
C VAL A 387 -15.28 -11.72 -12.59
N ALA A 388 -16.06 -12.22 -11.63
CA ALA A 388 -15.83 -13.55 -11.09
C ALA A 388 -16.04 -14.64 -12.13
N VAL A 389 -17.04 -14.48 -13.01
CA VAL A 389 -17.35 -15.56 -13.96
C VAL A 389 -16.59 -15.44 -15.28
N CYS A 390 -15.93 -14.31 -15.52
CA CYS A 390 -15.21 -14.14 -16.78
C CYS A 390 -14.09 -15.18 -16.91
N PRO A 391 -14.04 -15.95 -17.99
CA PRO A 391 -12.95 -16.92 -18.13
C PRO A 391 -11.56 -16.28 -18.05
N PHE A 392 -11.42 -15.00 -18.39
CA PHE A 392 -10.09 -14.40 -18.29
C PHE A 392 -9.63 -14.17 -16.84
N THR A 393 -10.56 -14.15 -15.87
CA THR A 393 -10.20 -14.00 -14.46
C THR A 393 -9.53 -15.25 -13.91
N LYS A 394 -9.82 -16.39 -14.50
CA LYS A 394 -9.18 -17.61 -14.07
C LYS A 394 -7.71 -17.63 -14.57
N GLY A 395 -6.84 -18.25 -13.78
CA GLY A 395 -5.41 -18.08 -13.95
C GLY A 395 -4.63 -19.04 -14.85
N ASN A 396 -5.32 -19.91 -15.60
CA ASN A 396 -4.76 -20.91 -16.53
C ASN A 396 -5.28 -20.77 -17.97
N ILE A 397 -5.54 -19.55 -18.42
CA ILE A 397 -6.07 -19.36 -19.77
C ILE A 397 -5.02 -19.70 -20.83
N TRP A 398 -3.73 -19.50 -20.53
CA TRP A 398 -2.71 -19.42 -21.56
C TRP A 398 -2.06 -20.78 -21.81
N ILE A 399 -1.94 -21.15 -23.09
CA ILE A 399 -1.20 -22.34 -23.46
C ILE A 399 -0.29 -22.00 -24.63
N HIS A 400 0.78 -22.77 -24.77
CA HIS A 400 1.76 -22.58 -25.83
C HIS A 400 1.72 -23.83 -26.70
N ASP A 401 1.64 -23.63 -28.01
CA ASP A 401 1.47 -24.78 -28.91
C ASP A 401 2.78 -25.21 -29.53
N GLY A 402 3.92 -24.76 -29.00
CA GLY A 402 5.21 -25.04 -29.57
C GLY A 402 5.72 -23.96 -30.51
N VAL A 403 4.82 -23.14 -31.05
CA VAL A 403 5.18 -21.99 -31.89
C VAL A 403 4.83 -20.68 -31.18
N GLU A 404 3.63 -20.59 -30.61
CA GLU A 404 3.18 -19.31 -30.06
C GLU A 404 2.18 -19.54 -28.94
N TRP A 405 1.84 -18.45 -28.25
CA TRP A 405 0.84 -18.48 -27.19
C TRP A 405 -0.56 -18.35 -27.77
N LEU A 406 -1.52 -18.97 -27.07
CA LEU A 406 -2.92 -18.87 -27.46
C LEU A 406 -3.81 -19.03 -26.23
N ILE A 407 -5.07 -18.61 -26.37
N ILE A 407 -5.05 -18.57 -26.37
CA ILE A 407 -6.07 -18.76 -25.32
CA ILE A 407 -6.10 -18.77 -25.37
C ILE A 407 -6.75 -20.12 -25.47
C ILE A 407 -6.65 -20.18 -25.50
N ASP A 408 -6.86 -20.84 -24.36
CA ASP A 408 -7.49 -22.16 -24.34
C ASP A 408 -9.01 -22.01 -24.42
N ASN A 409 -9.60 -22.34 -25.57
CA ASN A 409 -11.04 -22.24 -25.76
C ASN A 409 -11.85 -23.10 -24.78
N THR A 410 -11.24 -24.13 -24.18
CA THR A 410 -11.98 -24.99 -23.26
C THR A 410 -12.57 -24.18 -22.10
N ARG A 411 -11.94 -23.06 -21.76
CA ARG A 411 -12.39 -22.16 -20.69
C ARG A 411 -13.69 -21.43 -20.96
N PHE A 412 -14.13 -21.39 -22.20
CA PHE A 412 -15.31 -20.61 -22.56
C PHE A 412 -16.54 -21.48 -22.78
N LEU A 413 -16.43 -22.78 -22.56
CA LEU A 413 -17.55 -23.70 -22.78
C LEU A 413 -18.70 -23.46 -21.80
N ASN A 431 -16.79 -21.80 -0.65
CA ASN A 431 -17.53 -20.86 0.19
C ASN A 431 -16.59 -19.96 1.01
N ILE A 432 -17.20 -19.08 1.80
CA ILE A 432 -16.44 -18.01 2.46
C ILE A 432 -15.64 -18.51 3.66
N THR A 433 -16.16 -19.48 4.41
CA THR A 433 -15.35 -20.14 5.44
C THR A 433 -14.05 -20.68 4.86
N GLU A 434 -14.15 -21.36 3.71
CA GLU A 434 -12.97 -21.91 3.05
C GLU A 434 -11.99 -20.82 2.66
N VAL A 435 -12.49 -19.64 2.29
CA VAL A 435 -11.61 -18.52 1.97
C VAL A 435 -10.88 -18.05 3.22
N TRP A 436 -11.61 -17.80 4.30
CA TRP A 436 -10.95 -17.38 5.54
C TRP A 436 -9.94 -18.42 6.02
N ASP A 437 -10.18 -19.69 5.74
CA ASP A 437 -9.31 -20.77 6.19
C ASP A 437 -8.27 -21.17 5.15
N GLY A 438 -8.26 -20.54 3.98
CA GLY A 438 -7.48 -21.00 2.86
C GLY A 438 -6.30 -20.11 2.54
N LYS A 439 -5.85 -20.21 1.29
CA LYS A 439 -4.60 -19.60 0.86
C LYS A 439 -4.66 -18.08 0.89
N ILE A 440 -3.58 -17.47 1.40
CA ILE A 440 -3.42 -16.03 1.34
C ILE A 440 -1.93 -15.72 1.36
N ASN A 441 -1.59 -14.52 0.89
CA ASN A 441 -0.20 -14.06 0.89
C ASN A 441 -0.26 -12.55 0.91
N THR A 442 0.92 -11.92 0.89
CA THR A 442 1.01 -10.48 1.10
C THR A 442 0.17 -9.73 0.08
N TYR A 443 -0.65 -8.78 0.56
CA TYR A 443 -1.54 -7.96 -0.28
C TYR A 443 -2.52 -8.81 -1.09
N GLY A 444 -2.72 -10.07 -0.70
CA GLY A 444 -3.59 -10.93 -1.47
C GLY A 444 -3.02 -11.43 -2.77
N LEU A 445 -1.75 -11.13 -3.03
CA LEU A 445 -1.13 -11.63 -4.25
C LEU A 445 -0.93 -13.13 -4.13
N ASP A 446 -0.82 -13.78 -5.29
CA ASP A 446 -0.73 -15.24 -5.38
C ASP A 446 0.66 -15.60 -5.88
N ALA A 447 1.45 -16.25 -5.02
CA ALA A 447 2.81 -16.62 -5.41
C ALA A 447 2.84 -17.61 -6.57
N ASP A 448 1.74 -18.33 -6.84
CA ASP A 448 1.76 -19.23 -7.99
C ASP A 448 1.74 -18.49 -9.32
N HIS A 449 1.42 -17.20 -9.33
CA HIS A 449 1.40 -16.42 -10.55
C HIS A 449 2.24 -15.15 -10.48
N PHE A 450 2.81 -14.83 -9.31
CA PHE A 450 3.49 -13.56 -9.11
C PHE A 450 4.69 -13.41 -10.03
N ARG A 451 5.28 -14.53 -10.48
CA ARG A 451 6.34 -14.45 -11.47
C ARG A 451 5.90 -13.74 -12.74
N ASP A 452 4.59 -13.77 -13.05
CA ASP A 452 4.11 -13.17 -14.28
C ASP A 452 4.35 -11.66 -14.32
N THR A 453 4.49 -10.99 -13.19
CA THR A 453 4.68 -9.53 -13.20
C THR A 453 6.12 -9.13 -12.89
N VAL A 454 7.07 -10.06 -12.94
CA VAL A 454 8.47 -9.67 -12.81
C VAL A 454 8.81 -8.76 -13.99
N SER A 455 9.72 -7.82 -13.76
CA SER A 455 10.04 -6.79 -14.74
C SER A 455 11.55 -6.52 -14.77
N PHE A 456 12.10 -6.48 -15.99
CA PHE A 456 13.46 -6.04 -16.25
C PHE A 456 13.40 -4.84 -17.18
N ARG A 457 14.53 -4.16 -17.37
CA ARG A 457 14.52 -2.97 -18.22
C ARG A 457 13.94 -3.27 -19.59
N LYS A 458 14.28 -4.43 -20.17
CA LYS A 458 13.83 -4.77 -21.52
C LYS A 458 12.31 -4.67 -21.66
N ASP A 459 11.55 -4.98 -20.61
CA ASP A 459 10.11 -4.91 -20.73
C ASP A 459 9.53 -3.61 -20.17
N ARG A 460 10.37 -2.72 -19.63
CA ARG A 460 9.92 -1.40 -19.21
C ARG A 460 10.03 -0.38 -20.34
N VAL A 461 11.08 -0.45 -21.15
CA VAL A 461 11.23 0.50 -22.24
C VAL A 461 11.99 -0.19 -23.36
N LYS A 462 11.61 0.10 -24.60
CA LYS A 462 12.16 -0.63 -25.74
C LYS A 462 13.15 0.25 -26.50
N ALA B 8 6.92 -23.34 5.74
CA ALA B 8 5.99 -23.32 6.87
C ALA B 8 6.34 -24.40 7.88
N GLU B 9 6.71 -25.57 7.37
CA GLU B 9 7.09 -26.64 8.30
C GLU B 9 8.52 -26.48 8.79
N ILE B 10 9.35 -25.68 8.09
CA ILE B 10 10.61 -25.23 8.68
C ILE B 10 10.35 -24.51 9.99
N ARG B 11 9.43 -23.54 9.98
CA ARG B 11 9.20 -22.74 11.17
C ARG B 11 8.65 -23.59 12.31
N GLN B 12 7.84 -24.59 11.97
CA GLN B 12 7.41 -25.59 12.94
C GLN B 12 8.60 -26.27 13.60
N GLN B 13 9.61 -26.61 12.79
CA GLN B 13 10.76 -27.34 13.31
C GLN B 13 11.45 -26.58 14.43
N PHE B 14 11.34 -25.25 14.43
CA PHE B 14 12.13 -24.42 15.33
C PHE B 14 11.32 -23.78 16.44
N ALA B 15 10.05 -24.13 16.57
CA ALA B 15 9.25 -23.59 17.67
C ALA B 15 9.88 -23.98 19.00
N MET B 16 10.00 -23.02 19.89
CA MET B 16 10.39 -23.28 21.28
C MET B 16 9.13 -23.48 22.12
N THR B 17 9.32 -23.99 23.34
CA THR B 17 8.22 -23.95 24.30
C THR B 17 7.92 -22.51 24.69
N ALA B 18 6.71 -22.30 25.21
CA ALA B 18 6.29 -20.94 25.54
C ALA B 18 7.23 -20.32 26.56
N GLY B 19 7.35 -18.99 26.50
CA GLY B 19 8.21 -18.25 27.40
C GLY B 19 9.07 -17.24 26.66
N SER B 20 9.07 -16.00 27.13
CA SER B 20 9.90 -14.98 26.49
C SER B 20 11.35 -15.44 26.51
N PRO B 21 12.05 -15.43 25.37
CA PRO B 21 13.46 -15.86 25.35
C PRO B 21 14.45 -14.78 25.75
N ILE B 22 14.00 -13.56 26.02
CA ILE B 22 14.92 -12.48 26.38
C ILE B 22 15.27 -12.61 27.86
N ILE B 23 16.55 -12.84 28.15
CA ILE B 23 16.99 -12.97 29.54
C ILE B 23 17.17 -11.59 30.13
N VAL B 24 16.61 -11.38 31.32
CA VAL B 24 16.65 -10.09 32.01
C VAL B 24 17.14 -10.31 33.44
N ASN B 25 17.50 -9.20 34.09
CA ASN B 25 17.86 -9.22 35.51
C ASN B 25 16.97 -8.23 36.27
N ASP B 26 17.26 -8.06 37.55
CA ASP B 26 16.46 -7.19 38.41
C ASP B 26 16.79 -5.71 38.23
N LYS B 27 17.75 -5.36 37.38
CA LYS B 27 18.07 -3.97 37.09
C LYS B 27 17.24 -3.39 35.95
N LEU B 28 16.49 -4.21 35.22
CA LEU B 28 15.83 -3.75 34.01
C LEU B 28 14.71 -2.76 34.34
N GLU B 29 14.69 -1.64 33.64
CA GLU B 29 13.61 -0.67 33.76
C GLU B 29 13.17 -0.23 32.38
N ARG B 30 11.89 0.15 32.27
CA ARG B 30 11.39 0.66 31.00
C ARG B 30 12.19 1.87 30.56
N TYR B 31 12.25 2.07 29.25
CA TYR B 31 13.24 2.92 28.61
C TYR B 31 12.53 4.14 28.03
N ALA B 32 13.07 5.33 28.30
CA ALA B 32 12.46 6.55 27.77
C ALA B 32 12.85 6.75 26.32
N GLU B 33 11.84 6.93 25.46
CA GLU B 33 12.07 6.99 24.02
C GLU B 33 13.07 8.09 23.65
N VAL B 34 13.08 9.21 24.37
CA VAL B 34 13.99 10.31 24.04
C VAL B 34 15.46 9.88 24.05
N ARG B 35 15.77 8.76 24.72
CA ARG B 35 17.14 8.31 24.79
C ARG B 35 17.67 7.72 23.49
N THR B 36 16.83 7.44 22.49
CA THR B 36 17.37 6.94 21.23
C THR B 36 18.31 7.98 20.61
N ALA B 37 19.24 7.50 19.78
CA ALA B 37 20.22 8.40 19.20
C ALA B 37 19.58 9.39 18.24
N PHE B 38 18.46 9.01 17.62
CA PHE B 38 17.69 9.91 16.76
C PHE B 38 17.26 11.18 17.49
N THR B 39 16.96 11.08 18.78
CA THR B 39 16.28 12.14 19.51
C THR B 39 17.06 12.73 20.66
N HIS B 40 18.03 12.02 21.23
CA HIS B 40 18.63 12.49 22.46
C HIS B 40 19.53 13.70 22.21
N PRO B 41 19.49 14.72 23.07
CA PRO B 41 20.34 15.91 22.87
C PRO B 41 21.83 15.63 22.70
N THR B 42 22.35 14.59 23.35
CA THR B 42 23.78 14.28 23.25
C THR B 42 24.18 13.76 21.88
N SER B 43 23.24 13.25 21.10
CA SER B 43 23.52 12.70 19.78
C SER B 43 22.86 13.44 18.65
N PHE B 44 22.02 14.43 18.94
CA PHE B 44 21.11 14.98 17.94
C PHE B 44 21.84 15.87 16.93
N PHE B 45 22.84 16.62 17.37
CA PHE B 45 23.49 17.62 16.53
C PHE B 45 24.79 17.08 15.98
N LYS B 46 24.95 17.16 14.66
CA LYS B 46 26.14 16.64 14.01
C LYS B 46 26.55 17.57 12.88
N PRO B 47 27.86 17.69 12.62
CA PRO B 47 28.32 18.60 11.57
C PRO B 47 27.99 18.07 10.19
N ASN B 48 27.77 19.00 9.25
CA ASN B 48 27.67 18.63 7.85
C ASN B 48 29.07 18.67 7.23
N TYR B 49 29.16 18.43 5.90
CA TYR B 49 30.47 18.35 5.27
C TYR B 49 31.17 19.70 5.22
N LYS B 50 30.45 20.78 5.46
CA LYS B 50 31.03 22.12 5.52
C LYS B 50 31.52 22.49 6.91
N GLY B 51 31.25 21.65 7.90
CA GLY B 51 31.61 21.98 9.27
C GLY B 51 30.54 22.73 10.04
N GLU B 52 29.33 22.85 9.51
CA GLU B 52 28.24 23.51 10.22
C GLU B 52 27.45 22.50 11.03
N VAL B 53 27.27 22.77 12.32
CA VAL B 53 26.56 21.83 13.18
C VAL B 53 25.06 22.07 13.04
N LYS B 54 24.31 21.00 12.77
CA LYS B 54 22.88 21.06 12.57
C LYS B 54 22.23 19.81 13.15
N PRO B 55 20.91 19.81 13.35
CA PRO B 55 20.20 18.52 13.53
C PRO B 55 20.71 17.50 12.53
N TRP B 56 20.98 16.28 13.00
CA TRP B 56 21.71 15.31 12.19
C TRP B 56 21.05 15.10 10.82
N PHE B 57 19.72 15.07 10.77
CA PHE B 57 19.09 14.78 9.49
C PHE B 57 19.21 15.94 8.50
N LEU B 58 19.36 17.17 9.00
CA LEU B 58 19.60 18.31 8.11
C LEU B 58 21.01 18.29 7.55
N SER B 59 21.99 17.89 8.37
CA SER B 59 23.34 17.71 7.82
C SER B 59 23.36 16.57 6.80
N ALA B 60 22.58 15.52 7.05
CA ALA B 60 22.48 14.44 6.05
C ALA B 60 21.87 14.95 4.75
N TYR B 61 20.84 15.79 4.85
CA TYR B 61 20.28 16.44 3.66
C TYR B 61 21.36 17.16 2.85
N ASP B 62 22.22 17.93 3.54
CA ASP B 62 23.27 18.67 2.84
C ASP B 62 24.16 17.72 2.05
N GLU B 63 24.41 16.53 2.58
CA GLU B 63 25.23 15.55 1.88
C GLU B 63 24.51 14.97 0.68
N LYS B 64 23.19 14.74 0.79
CA LYS B 64 22.42 14.29 -0.37
C LYS B 64 22.49 15.30 -1.51
N VAL B 65 22.31 16.60 -1.18
CA VAL B 65 22.39 17.65 -2.20
C VAL B 65 23.78 17.67 -2.83
N ARG B 66 24.81 17.62 -2.01
CA ARG B 66 26.17 17.66 -2.56
C ARG B 66 26.42 16.46 -3.47
N GLN B 67 25.92 15.28 -3.09
CA GLN B 67 26.13 14.09 -3.92
C GLN B 67 25.40 14.22 -5.25
N ILE B 68 24.18 14.76 -5.26
CA ILE B 68 23.48 14.93 -6.52
C ILE B 68 24.26 15.86 -7.45
N GLU B 69 24.69 17.01 -6.93
CA GLU B 69 25.42 17.96 -7.77
C GLU B 69 26.72 17.37 -8.28
N ASN B 70 27.31 16.44 -7.55
CA ASN B 70 28.56 15.82 -7.97
C ASN B 70 28.35 14.46 -8.62
N GLY B 71 27.09 14.12 -8.94
CA GLY B 71 26.80 12.89 -9.66
C GLY B 71 27.21 11.64 -8.92
N GLU B 72 26.82 11.55 -7.65
CA GLU B 72 27.17 10.43 -6.80
C GLU B 72 25.90 9.82 -6.22
N ASN B 73 25.90 8.48 -6.06
CA ASN B 73 24.81 7.75 -5.42
C ASN B 73 25.07 7.51 -3.94
N GLY B 74 26.23 7.90 -3.45
CA GLY B 74 26.61 7.64 -2.08
C GLY B 74 28.00 8.16 -1.82
N PRO B 75 28.54 7.92 -0.63
CA PRO B 75 29.86 8.47 -0.28
C PRO B 75 30.93 7.85 -1.17
N LYS B 76 31.64 8.69 -1.91
CA LYS B 76 32.70 8.23 -2.80
C LYS B 76 32.20 7.31 -3.90
N MET B 77 30.88 7.28 -4.16
CA MET B 77 30.29 6.32 -5.11
C MET B 77 29.72 7.10 -6.30
N LYS B 78 30.46 7.12 -7.39
CA LYS B 78 30.03 7.84 -8.57
C LYS B 78 28.80 7.17 -9.18
N ALA B 79 27.78 7.97 -9.49
CA ALA B 79 26.63 7.51 -10.24
C ALA B 79 26.98 7.45 -11.73
N LYS B 80 26.09 6.85 -12.52
CA LYS B 80 26.27 6.88 -13.96
C LYS B 80 26.31 8.32 -14.47
N ASN B 81 25.50 9.18 -13.90
CA ASN B 81 25.45 10.60 -14.24
C ASN B 81 24.64 11.29 -13.15
N VAL B 82 24.52 12.61 -13.25
CA VAL B 82 23.76 13.36 -12.26
C VAL B 82 22.29 12.96 -12.29
N GLY B 83 21.76 12.64 -13.47
CA GLY B 83 20.38 12.21 -13.56
C GLY B 83 20.11 10.96 -12.73
N GLU B 84 21.01 9.98 -12.79
CA GLU B 84 20.84 8.79 -11.96
C GLU B 84 20.90 9.14 -10.47
N ALA B 85 21.88 9.97 -10.07
CA ALA B 85 21.97 10.39 -8.67
C ALA B 85 20.68 11.02 -8.20
N ARG B 86 20.13 11.94 -9.01
CA ARG B 86 18.86 12.58 -8.69
C ARG B 86 17.73 11.58 -8.54
N ALA B 87 17.68 10.58 -9.43
CA ALA B 87 16.58 9.62 -9.42
C ALA B 87 16.58 8.79 -8.13
N GLY B 88 17.76 8.41 -7.64
CA GLY B 88 17.81 7.62 -6.42
C GLY B 88 17.29 8.41 -5.22
N ARG B 89 17.64 9.69 -5.14
CA ARG B 89 17.16 10.51 -4.04
C ARG B 89 15.67 10.84 -4.19
N ALA B 90 15.21 11.02 -5.44
CA ALA B 90 13.78 11.24 -5.66
C ALA B 90 12.98 10.02 -5.22
N LEU B 91 13.49 8.82 -5.50
CA LEU B 91 12.79 7.61 -5.10
C LEU B 91 12.79 7.47 -3.58
N GLU B 92 13.94 7.73 -2.95
CA GLU B 92 14.02 7.72 -1.49
C GLU B 92 13.03 8.70 -0.87
N ALA B 93 13.04 9.96 -1.30
CA ALA B 93 12.16 10.96 -0.70
C ALA B 93 10.71 10.57 -0.89
N ALA B 94 10.35 10.07 -2.07
CA ALA B 94 8.96 9.69 -2.33
C ALA B 94 8.52 8.53 -1.45
N GLY B 95 9.43 7.61 -1.11
CA GLY B 95 9.04 6.43 -0.37
C GLY B 95 8.42 6.76 0.97
N TRP B 96 8.83 7.88 1.57
CA TRP B 96 8.40 8.35 2.88
C TRP B 96 7.02 9.02 2.88
N THR B 97 6.27 8.99 1.78
CA THR B 97 5.08 9.83 1.64
C THR B 97 4.08 9.62 2.78
N LEU B 98 3.89 8.38 3.23
CA LEU B 98 2.90 8.08 4.26
C LEU B 98 3.54 7.91 5.63
N ASP B 99 4.55 8.71 5.94
CA ASP B 99 5.26 8.58 7.21
C ASP B 99 5.56 9.99 7.73
N ILE B 100 5.38 10.20 9.03
CA ILE B 100 5.55 11.52 9.63
C ILE B 100 6.90 11.58 10.32
N ASN B 101 7.75 12.52 9.89
CA ASN B 101 9.01 12.86 10.57
C ASN B 101 9.85 11.62 10.89
N TYR B 102 9.89 10.69 9.95
CA TYR B 102 10.82 9.56 10.00
C TYR B 102 10.48 8.59 11.11
N GLY B 103 9.37 7.87 10.95
CA GLY B 103 9.06 6.74 11.80
C GLY B 103 7.69 6.74 12.43
N ASN B 104 6.90 7.83 12.26
CA ASN B 104 5.56 7.89 12.87
C ASN B 104 5.59 7.68 14.38
N ILE B 105 6.59 8.24 15.07
CA ILE B 105 6.72 7.85 16.48
C ILE B 105 5.74 8.56 17.42
N TYR B 106 5.21 9.74 17.06
CA TYR B 106 4.29 10.43 17.99
C TYR B 106 3.02 9.59 18.14
N PRO B 107 2.71 9.10 19.34
CA PRO B 107 1.49 8.30 19.49
C PRO B 107 0.25 9.18 19.46
N ASN B 108 -0.80 8.69 18.81
CA ASN B 108 -2.10 9.36 18.78
C ASN B 108 -2.02 10.71 18.09
N ARG B 109 -1.18 10.81 17.07
CA ARG B 109 -1.04 11.97 16.19
C ARG B 109 -1.04 11.49 14.74
N PHE B 110 -1.55 12.34 13.85
CA PHE B 110 -1.53 12.09 12.41
C PHE B 110 -2.06 10.71 12.03
N PHE B 111 -1.21 9.79 11.54
CA PHE B 111 -1.70 8.47 11.13
C PHE B 111 -1.86 7.50 12.29
N MET B 112 -1.27 7.81 13.44
CA MET B 112 -1.16 6.88 14.55
C MET B 112 -2.24 7.09 15.61
N LEU B 113 -3.48 7.31 15.18
CA LEU B 113 -4.54 7.61 16.13
C LEU B 113 -4.89 6.37 16.95
N TRP B 114 -5.08 6.59 18.26
CA TRP B 114 -5.40 5.51 19.19
C TRP B 114 -6.89 5.17 19.20
N SER B 115 -7.73 6.01 18.62
CA SER B 115 -9.14 5.72 18.39
C SER B 115 -9.46 5.96 16.93
N GLY B 116 -10.41 5.19 16.41
CA GLY B 116 -10.81 5.38 15.03
C GLY B 116 -11.87 6.41 14.81
N GLU B 117 -12.38 7.02 15.88
CA GLU B 117 -13.65 7.74 15.80
C GLU B 117 -13.60 8.93 14.85
N THR B 118 -12.46 9.62 14.75
CA THR B 118 -12.39 10.79 13.88
C THR B 118 -11.95 10.49 12.46
N MET B 119 -11.52 9.26 12.17
CA MET B 119 -11.00 8.98 10.83
C MET B 119 -12.10 9.09 9.78
N THR B 120 -11.71 9.50 8.56
CA THR B 120 -12.70 9.66 7.50
C THR B 120 -13.40 8.35 7.18
N ASN B 121 -12.66 7.25 7.19
CA ASN B 121 -13.24 5.95 6.89
C ASN B 121 -14.27 5.53 7.95
N THR B 122 -13.96 5.75 9.23
CA THR B 122 -14.93 5.48 10.29
C THR B 122 -16.20 6.32 10.13
N GLN B 123 -16.04 7.62 9.81
CA GLN B 123 -17.21 8.47 9.65
C GLN B 123 -18.10 7.99 8.50
N LEU B 124 -17.49 7.62 7.38
CA LEU B 124 -18.25 7.17 6.22
C LEU B 124 -19.02 5.89 6.53
N TRP B 125 -18.44 5.03 7.35
CA TRP B 125 -19.03 3.74 7.68
C TRP B 125 -19.92 3.79 8.93
N ALA B 126 -20.05 4.95 9.56
CA ALA B 126 -20.75 5.04 10.83
C ALA B 126 -22.16 4.45 10.82
N PRO B 127 -23.00 4.63 9.78
CA PRO B 127 -24.34 4.01 9.83
C PRO B 127 -24.32 2.50 10.03
N VAL B 128 -23.26 1.81 9.62
CA VAL B 128 -23.24 0.37 9.84
C VAL B 128 -22.96 0.06 11.30
N GLY B 129 -22.22 0.93 11.98
CA GLY B 129 -21.97 0.77 13.40
C GLY B 129 -21.04 -0.36 13.78
N LEU B 130 -20.10 -0.73 12.91
CA LEU B 130 -19.20 -1.84 13.21
C LEU B 130 -18.31 -1.55 14.41
N ASP B 131 -17.90 -0.29 14.56
CA ASP B 131 -17.03 0.08 15.67
C ASP B 131 -17.77 0.26 16.97
N ARG B 132 -19.11 0.33 16.94
CA ARG B 132 -19.93 0.50 18.13
C ARG B 132 -20.59 -0.80 18.58
N ARG B 133 -20.55 -1.82 17.75
CA ARG B 133 -21.22 -3.09 18.02
C ARG B 133 -20.33 -3.97 18.88
N PRO B 134 -20.86 -4.58 19.94
CA PRO B 134 -20.05 -5.51 20.72
C PRO B 134 -19.52 -6.62 19.82
N PRO B 135 -18.39 -7.22 20.18
CA PRO B 135 -17.82 -8.28 19.33
C PRO B 135 -18.77 -9.47 19.19
N ASP B 136 -18.83 -10.01 17.97
CA ASP B 136 -19.58 -11.24 17.76
C ASP B 136 -18.72 -12.48 17.93
N THR B 137 -17.41 -12.32 18.00
CA THR B 137 -16.48 -13.45 18.15
C THR B 137 -15.57 -13.13 19.32
N THR B 138 -15.53 -14.00 20.31
CA THR B 138 -14.59 -13.88 21.42
C THR B 138 -13.62 -15.05 21.49
N ASP B 139 -13.77 -16.05 20.62
CA ASP B 139 -12.92 -17.23 20.60
C ASP B 139 -11.51 -16.85 20.13
N PRO B 140 -10.48 -16.99 20.96
CA PRO B 140 -9.13 -16.58 20.54
C PRO B 140 -8.63 -17.30 19.29
N VAL B 141 -9.07 -18.54 19.07
CA VAL B 141 -8.60 -19.30 17.92
C VAL B 141 -9.14 -18.71 16.62
N GLU B 142 -10.46 -18.49 16.54
CA GLU B 142 -11.03 -17.88 15.35
C GLU B 142 -10.48 -16.48 15.12
N LEU B 143 -10.35 -15.70 16.20
CA LEU B 143 -9.84 -14.33 16.10
C LEU B 143 -8.42 -14.31 15.56
N THR B 144 -7.59 -15.25 16.01
CA THR B 144 -6.21 -15.29 15.53
C THR B 144 -6.18 -15.57 14.03
N ASN B 145 -7.06 -16.45 13.56
CA ASN B 145 -7.09 -16.76 12.13
C ASN B 145 -7.58 -15.55 11.33
N TYR B 146 -8.67 -14.91 11.79
CA TYR B 146 -9.20 -13.71 11.13
C TYR B 146 -8.15 -12.60 11.08
N VAL B 147 -7.53 -12.29 12.21
CA VAL B 147 -6.68 -11.11 12.23
C VAL B 147 -5.39 -11.35 11.46
N LYS B 148 -4.91 -12.60 11.41
CA LYS B 148 -3.72 -12.86 10.61
C LYS B 148 -4.03 -12.79 9.12
N PHE B 149 -5.19 -13.31 8.70
CA PHE B 149 -5.61 -13.14 7.32
C PHE B 149 -5.67 -11.66 6.95
N ALA B 150 -6.33 -10.87 7.81
CA ALA B 150 -6.39 -9.42 7.62
C ALA B 150 -4.99 -8.82 7.57
N ALA B 151 -4.08 -9.28 8.42
CA ALA B 151 -2.72 -8.75 8.43
C ALA B 151 -2.03 -8.96 7.09
N ARG B 152 -2.26 -10.12 6.47
CA ARG B 152 -1.64 -10.39 5.18
C ARG B 152 -2.25 -9.50 4.10
N MET B 153 -3.58 -9.31 4.14
CA MET B 153 -4.21 -8.36 3.23
C MET B 153 -3.61 -6.97 3.40
N ALA B 154 -3.28 -6.61 4.63
CA ALA B 154 -2.77 -5.30 4.99
C ALA B 154 -1.28 -5.12 4.67
N GLY B 155 -0.63 -6.11 4.08
CA GLY B 155 0.73 -5.94 3.59
C GLY B 155 1.84 -6.55 4.43
N ALA B 156 1.51 -7.29 5.48
CA ALA B 156 2.54 -7.99 6.25
C ALA B 156 3.02 -9.21 5.47
N ASP B 157 4.34 -9.37 5.39
CA ASP B 157 4.92 -10.61 4.88
C ASP B 157 5.08 -11.64 5.97
N LEU B 158 5.26 -11.20 7.21
CA LEU B 158 5.22 -12.06 8.39
C LEU B 158 4.25 -11.46 9.39
N VAL B 159 3.62 -12.32 10.19
CA VAL B 159 2.79 -11.82 11.28
C VAL B 159 2.89 -12.77 12.46
N GLY B 160 2.97 -12.21 13.65
CA GLY B 160 3.00 -13.02 14.86
C GLY B 160 2.30 -12.30 15.99
N VAL B 161 1.97 -13.06 17.02
CA VAL B 161 1.22 -12.57 18.18
C VAL B 161 1.97 -12.95 19.45
N ALA B 162 2.03 -12.01 20.39
CA ALA B 162 2.60 -12.28 21.72
C ALA B 162 1.75 -11.58 22.77
N ARG B 163 1.78 -12.10 24.00
CA ARG B 163 1.35 -11.27 25.13
C ARG B 163 2.22 -10.03 25.19
N LEU B 164 1.62 -8.94 25.65
CA LEU B 164 2.33 -7.67 25.72
C LEU B 164 3.24 -7.68 26.94
N ASN B 165 4.55 -7.63 26.71
CA ASN B 165 5.52 -7.47 27.78
C ASN B 165 5.76 -5.98 27.96
N ARG B 166 5.31 -5.43 29.08
CA ARG B 166 5.41 -3.99 29.29
C ARG B 166 6.86 -3.52 29.44
N ASN B 167 7.81 -4.44 29.62
CA ASN B 167 9.22 -4.04 29.72
C ASN B 167 9.70 -3.35 28.46
N TRP B 168 9.09 -3.63 27.31
CA TRP B 168 9.54 -3.06 26.04
C TRP B 168 8.70 -1.86 25.62
N VAL B 169 7.70 -1.49 26.41
CA VAL B 169 6.94 -0.29 26.14
C VAL B 169 7.71 0.88 26.71
N TYR B 170 7.94 1.92 25.89
CA TYR B 170 8.67 3.08 26.34
C TYR B 170 8.04 3.63 27.60
N SER B 171 8.88 4.01 28.57
CA SER B 171 8.34 4.63 29.78
C SER B 171 7.70 5.97 29.47
N GLU B 172 8.28 6.71 28.55
CA GLU B 172 7.76 7.99 28.09
C GLU B 172 7.96 8.06 26.59
N ALA B 173 6.94 8.52 25.88
CA ALA B 173 6.99 8.66 24.44
C ALA B 173 7.52 10.05 24.07
N VAL B 174 8.04 10.15 22.84
CA VAL B 174 8.29 11.43 22.20
C VAL B 174 7.06 11.78 21.36
N THR B 175 6.52 12.97 21.57
CA THR B 175 5.30 13.35 20.85
C THR B 175 5.30 14.86 20.69
N ILE B 176 4.15 15.42 20.28
CA ILE B 176 3.98 16.87 20.20
C ILE B 176 2.65 17.21 20.85
N PRO B 177 2.48 18.47 21.27
CA PRO B 177 1.16 18.88 21.76
C PRO B 177 0.10 18.70 20.68
N ALA B 178 -1.11 18.34 21.10
CA ALA B 178 -2.13 17.88 20.16
C ALA B 178 -2.56 18.97 19.20
N ASP B 179 -2.49 20.24 19.59
CA ASP B 179 -2.92 21.32 18.73
C ASP B 179 -1.78 21.97 17.96
N VAL B 180 -0.58 21.40 18.03
CA VAL B 180 0.56 21.96 17.29
C VAL B 180 0.45 21.55 15.83
N PRO B 181 0.52 22.50 14.89
CA PRO B 181 0.42 22.13 13.48
C PRO B 181 1.68 21.44 13.00
N TYR B 182 1.54 20.65 11.93
CA TYR B 182 2.67 19.88 11.42
C TYR B 182 3.91 20.74 11.21
N GLU B 183 3.74 21.96 10.66
CA GLU B 183 4.91 22.75 10.29
C GLU B 183 5.75 23.17 11.49
N GLN B 184 5.22 23.07 12.70
CA GLN B 184 6.00 23.34 13.90
C GLN B 184 6.38 22.07 14.67
N SER B 185 6.06 20.88 14.14
CA SER B 185 6.16 19.65 14.92
C SER B 185 7.59 19.36 15.37
N LEU B 186 8.56 19.46 14.45
CA LEU B 186 9.93 19.14 14.79
C LEU B 186 10.50 20.06 15.86
N HIS B 187 10.00 21.30 15.95
CA HIS B 187 10.50 22.26 16.92
C HIS B 187 9.82 22.17 18.27
N LYS B 188 8.74 21.39 18.39
CA LYS B 188 7.97 21.36 19.62
C LYS B 188 7.75 19.92 20.10
N GLU B 189 8.71 19.04 19.88
CA GLU B 189 8.59 17.69 20.41
C GLU B 189 8.76 17.71 21.93
N ILE B 190 7.96 16.87 22.61
CA ILE B 190 7.96 16.78 24.07
C ILE B 190 8.00 15.32 24.47
N GLU B 191 8.22 15.10 25.76
CA GLU B 191 8.12 13.77 26.35
C GLU B 191 6.78 13.63 27.06
N LYS B 192 6.20 12.42 26.99
CA LYS B 192 4.92 12.16 27.63
C LYS B 192 4.89 10.73 28.15
N PRO B 193 4.56 10.54 29.43
CA PRO B 193 4.52 9.19 30.00
C PRO B 193 3.47 8.31 29.34
N ILE B 194 3.81 7.04 29.20
CA ILE B 194 2.87 5.99 28.82
C ILE B 194 2.63 5.15 30.07
N VAL B 195 1.36 5.08 30.51
CA VAL B 195 0.99 4.38 31.73
C VAL B 195 -0.14 3.40 31.43
N PHE B 196 -0.28 2.41 32.30
CA PHE B 196 -1.34 1.41 32.21
C PHE B 196 -2.29 1.60 33.38
N LYS B 197 -3.58 1.70 33.09
CA LYS B 197 -4.58 1.95 34.12
C LYS B 197 -5.83 1.16 33.80
N ASP B 198 -6.72 1.07 34.80
CA ASP B 198 -8.02 0.43 34.64
C ASP B 198 -8.99 1.43 34.02
N VAL B 199 -8.93 1.51 32.69
CA VAL B 199 -9.85 2.33 31.91
C VAL B 199 -10.39 1.46 30.78
N PRO B 200 -11.56 1.81 30.23
CA PRO B 200 -12.13 0.96 29.17
C PRO B 200 -11.41 1.03 27.83
N LEU B 201 -10.93 2.22 27.42
CA LEU B 201 -10.39 2.44 26.09
C LEU B 201 -9.06 3.17 26.17
N PRO B 202 -8.17 2.96 25.19
CA PRO B 202 -6.96 3.78 25.10
C PRO B 202 -7.34 5.25 25.05
N ILE B 203 -6.66 6.06 25.85
CA ILE B 203 -7.07 7.44 26.04
C ILE B 203 -5.83 8.29 26.32
N GLU B 204 -5.86 9.52 25.84
CA GLU B 204 -4.78 10.48 26.09
C GLU B 204 -5.33 11.67 26.86
N THR B 205 -4.68 12.00 27.98
CA THR B 205 -4.96 13.22 28.71
C THR B 205 -3.85 14.23 28.44
N ASP B 206 -3.99 15.41 29.04
CA ASP B 206 -2.91 16.39 28.96
C ASP B 206 -1.59 15.82 29.48
N ASP B 207 -1.67 14.91 30.45
CA ASP B 207 -0.49 14.46 31.18
C ASP B 207 0.00 13.09 30.75
N GLU B 208 -0.85 12.21 30.23
CA GLU B 208 -0.45 10.82 30.06
C GLU B 208 -1.07 10.24 28.81
N LEU B 209 -0.34 9.31 28.20
CA LEU B 209 -0.89 8.35 27.26
C LEU B 209 -1.27 7.11 28.07
N ILE B 210 -2.55 6.76 28.07
CA ILE B 210 -3.05 5.71 28.97
C ILE B 210 -3.46 4.51 28.15
N ILE B 211 -2.76 3.41 28.35
CA ILE B 211 -3.10 2.11 27.76
C ILE B 211 -3.90 1.33 28.77
N PRO B 212 -5.03 0.74 28.40
CA PRO B 212 -5.84 -0.02 29.38
C PRO B 212 -5.09 -1.26 29.85
N ASN B 213 -5.33 -1.62 31.12
CA ASN B 213 -4.80 -2.88 31.64
C ASN B 213 -5.33 -4.09 30.88
N THR B 214 -6.47 -3.96 30.20
CA THR B 214 -6.97 -5.05 29.36
C THR B 214 -6.18 -5.24 28.08
N CYS B 215 -5.20 -4.39 27.78
CA CYS B 215 -4.48 -4.48 26.51
C CYS B 215 -3.50 -5.64 26.61
N GLU B 216 -4.01 -6.83 26.31
CA GLU B 216 -3.31 -8.07 26.65
C GLU B 216 -2.23 -8.44 25.63
N ASN B 217 -2.38 -8.03 24.37
CA ASN B 217 -1.65 -8.66 23.28
C ASN B 217 -1.01 -7.62 22.35
N VAL B 218 0.02 -8.08 21.63
CA VAL B 218 0.65 -7.29 20.59
C VAL B 218 0.74 -8.16 19.34
N ILE B 219 0.37 -7.59 18.20
CA ILE B 219 0.48 -8.23 16.89
C ILE B 219 1.65 -7.57 16.18
N VAL B 220 2.63 -8.38 15.76
CA VAL B 220 3.86 -7.86 15.14
C VAL B 220 3.87 -8.26 13.68
N ALA B 221 4.18 -7.30 12.80
CA ALA B 221 4.27 -7.53 11.37
C ALA B 221 5.70 -7.34 10.88
N GLY B 222 6.14 -8.25 10.02
CA GLY B 222 7.35 -8.06 9.23
C GLY B 222 7.00 -7.61 7.82
N ILE B 223 7.69 -6.57 7.37
CA ILE B 223 7.48 -5.91 6.07
C ILE B 223 8.79 -6.06 5.31
N ALA B 224 8.83 -6.96 4.33
CA ALA B 224 10.11 -7.32 3.70
C ALA B 224 10.64 -6.20 2.83
N MET B 225 11.94 -5.92 2.97
CA MET B 225 12.62 -4.98 2.10
C MET B 225 13.16 -5.69 0.86
N ASN B 226 13.64 -4.91 -0.12
CA ASN B 226 14.10 -5.50 -1.37
C ASN B 226 15.59 -5.79 -1.29
N ARG B 227 15.98 -7.00 -1.67
CA ARG B 227 17.36 -7.43 -1.46
C ARG B 227 18.33 -6.70 -2.38
N GLU B 228 18.00 -6.58 -3.66
CA GLU B 228 18.88 -5.89 -4.59
C GLU B 228 19.14 -4.46 -4.14
N MET B 229 18.09 -3.76 -3.70
CA MET B 229 18.28 -2.38 -3.27
C MET B 229 19.05 -2.29 -1.96
N MET B 230 18.74 -3.17 -0.99
CA MET B 230 19.48 -3.11 0.26
C MET B 230 20.95 -3.44 0.05
N GLN B 231 21.27 -4.28 -0.94
CA GLN B 231 22.67 -4.60 -1.21
C GLN B 231 23.47 -3.40 -1.71
N THR B 232 22.84 -2.27 -2.01
CA THR B 232 23.58 -1.09 -2.39
C THR B 232 23.97 -0.23 -1.20
N ALA B 233 23.66 -0.67 0.02
CA ALA B 233 24.05 0.06 1.22
C ALA B 233 25.55 0.33 1.19
N PRO B 234 25.98 1.53 1.60
CA PRO B 234 25.18 2.62 2.20
C PRO B 234 24.64 3.64 1.19
N ASN B 235 24.45 3.23 -0.07
CA ASN B 235 24.09 4.17 -1.12
C ASN B 235 22.58 4.36 -1.19
N SER B 236 22.13 5.17 -2.16
CA SER B 236 20.78 5.74 -2.10
C SER B 236 19.68 4.69 -2.30
N MET B 237 19.92 3.63 -3.07
CA MET B 237 18.80 2.71 -3.29
C MET B 237 18.49 1.89 -2.04
N ALA B 238 19.46 1.71 -1.14
CA ALA B 238 19.13 1.14 0.15
C ALA B 238 18.22 2.08 0.94
N CYS B 239 18.44 3.39 0.82
CA CYS B 239 17.55 4.34 1.48
C CYS B 239 16.13 4.22 0.94
N ALA B 240 16.00 3.97 -0.37
CA ALA B 240 14.68 3.93 -1.01
C ALA B 240 13.86 2.73 -0.54
N THR B 241 14.46 1.55 -0.44
CA THR B 241 13.66 0.43 0.02
C THR B 241 13.29 0.59 1.50
N THR B 242 14.20 1.15 2.30
CA THR B 242 13.85 1.55 3.67
C THR B 242 12.63 2.44 3.70
N ALA B 243 12.65 3.51 2.90
CA ALA B 243 11.61 4.53 2.97
C ALA B 243 10.26 3.96 2.53
N PHE B 244 10.22 3.23 1.41
CA PHE B 244 8.94 2.69 0.95
C PHE B 244 8.33 1.76 1.99
N CYS B 245 9.17 1.02 2.71
CA CYS B 245 8.63 0.09 3.69
C CYS B 245 8.08 0.83 4.91
N TYR B 246 8.58 2.02 5.23
CA TYR B 246 7.95 2.80 6.30
C TYR B 246 6.53 3.19 5.93
N SER B 247 6.30 3.54 4.67
CA SER B 247 4.94 3.86 4.28
C SER B 247 4.06 2.61 4.25
N ARG B 248 4.64 1.45 3.88
CA ARG B 248 3.93 0.18 4.01
C ARG B 248 3.58 -0.12 5.47
N MET B 249 4.51 0.14 6.40
CA MET B 249 4.19 -0.02 7.83
C MET B 249 2.99 0.81 8.22
N CYS B 250 2.97 2.08 7.81
CA CYS B 250 1.89 2.97 8.22
C CYS B 250 0.54 2.44 7.73
N MET B 251 0.48 2.05 6.46
CA MET B 251 -0.78 1.53 5.94
C MET B 251 -1.18 0.24 6.64
N PHE B 252 -0.20 -0.62 6.95
CA PHE B 252 -0.50 -1.82 7.71
C PHE B 252 -1.17 -1.48 9.04
N ASP B 253 -0.55 -0.59 9.82
CA ASP B 253 -1.08 -0.24 11.14
C ASP B 253 -2.52 0.25 11.04
N MET B 254 -2.80 1.15 10.08
CA MET B 254 -4.13 1.74 9.97
C MET B 254 -5.16 0.71 9.52
N TRP B 255 -4.84 -0.03 8.46
CA TRP B 255 -5.72 -1.09 7.99
C TRP B 255 -6.07 -2.06 9.11
N LEU B 256 -5.06 -2.53 9.84
CA LEU B 256 -5.30 -3.57 10.84
C LEU B 256 -6.05 -3.01 12.04
N CYS B 257 -5.66 -1.82 12.51
CA CYS B 257 -6.40 -1.19 13.61
C CYS B 257 -7.86 -1.05 13.27
N GLN B 258 -8.16 -0.56 12.06
CA GLN B 258 -9.55 -0.45 11.65
C GLN B 258 -10.24 -1.80 11.63
N PHE B 259 -9.57 -2.85 11.13
CA PHE B 259 -10.21 -4.16 11.15
C PHE B 259 -10.54 -4.59 12.58
N ILE B 260 -9.57 -4.43 13.49
CA ILE B 260 -9.78 -4.82 14.88
C ILE B 260 -10.91 -4.01 15.50
N ARG B 261 -10.96 -2.70 15.23
CA ARG B 261 -12.04 -1.87 15.74
C ARG B 261 -13.39 -2.31 15.20
N TYR B 262 -13.44 -2.61 13.90
CA TYR B 262 -14.71 -3.03 13.31
C TYR B 262 -15.13 -4.43 13.74
N MET B 263 -14.24 -5.19 14.38
CA MET B 263 -14.57 -6.46 15.01
C MET B 263 -15.07 -6.29 16.45
N GLY B 264 -15.03 -5.08 16.99
CA GLY B 264 -15.55 -4.82 18.32
C GLY B 264 -14.51 -4.65 19.40
N TYR B 265 -13.23 -4.52 19.05
CA TYR B 265 -12.15 -4.37 20.02
C TYR B 265 -11.46 -3.03 19.80
N TYR B 266 -10.49 -2.70 20.66
CA TYR B 266 -9.68 -1.51 20.40
C TYR B 266 -8.30 -1.92 19.90
N ALA B 267 -7.57 -0.94 19.35
CA ALA B 267 -6.30 -1.20 18.71
C ALA B 267 -5.46 0.07 18.70
N ILE B 268 -4.20 -0.08 19.06
CA ILE B 268 -3.24 1.02 19.15
C ILE B 268 -2.17 0.78 18.08
N PRO B 269 -2.04 1.65 17.09
CA PRO B 269 -0.95 1.51 16.12
C PRO B 269 0.35 2.00 16.74
N SER B 270 1.48 1.73 16.06
CA SER B 270 2.74 2.21 16.66
C SER B 270 3.84 2.58 15.64
N CYS B 271 3.97 1.84 14.54
CA CYS B 271 5.15 1.97 13.68
C CYS B 271 6.40 2.01 14.55
N ASN B 272 7.24 3.06 14.46
CA ASN B 272 8.46 3.09 15.25
C ASN B 272 8.26 3.60 16.66
N GLY B 273 7.03 3.97 17.03
CA GLY B 273 6.76 4.51 18.35
C GLY B 273 6.34 3.45 19.35
N VAL B 274 6.05 3.93 20.57
CA VAL B 274 5.38 3.23 21.66
C VAL B 274 6.26 2.20 22.36
N GLY B 275 6.95 1.37 21.60
CA GLY B 275 7.83 0.39 22.22
C GLY B 275 8.87 -0.16 21.26
N GLN B 276 9.69 -1.08 21.79
CA GLN B 276 10.84 -1.61 21.06
C GLN B 276 10.43 -2.79 20.19
N SER B 277 10.41 -2.56 18.88
CA SER B 277 9.89 -3.53 17.93
C SER B 277 10.68 -4.85 17.94
N VAL B 278 12.00 -4.79 18.07
CA VAL B 278 12.78 -6.03 18.01
C VAL B 278 12.38 -6.98 19.12
N ALA B 279 12.20 -6.45 20.33
CA ALA B 279 11.83 -7.30 21.45
C ALA B 279 10.45 -7.92 21.23
N PHE B 280 9.49 -7.13 20.75
CA PHE B 280 8.16 -7.69 20.45
C PHE B 280 8.26 -8.76 19.38
N ALA B 281 9.06 -8.52 18.33
CA ALA B 281 9.15 -9.47 17.23
C ALA B 281 9.76 -10.79 17.69
N VAL B 282 10.75 -10.73 18.57
CA VAL B 282 11.34 -11.96 19.09
C VAL B 282 10.34 -12.72 19.94
N GLU B 283 9.59 -12.01 20.79
CA GLU B 283 8.60 -12.67 21.65
C GLU B 283 7.43 -13.22 20.84
N ALA B 284 7.13 -12.62 19.71
CA ALA B 284 6.07 -13.09 18.82
C ALA B 284 6.53 -14.16 17.84
N GLY B 285 7.81 -14.55 17.87
CA GLY B 285 8.27 -15.64 17.05
C GLY B 285 8.64 -15.31 15.62
N LEU B 286 8.77 -14.02 15.26
CA LEU B 286 9.19 -13.70 13.90
C LEU B 286 10.64 -14.08 13.66
N GLY B 287 11.49 -13.98 14.68
CA GLY B 287 12.88 -14.29 14.49
C GLY B 287 13.61 -14.21 15.81
N GLN B 288 14.93 -14.10 15.72
CA GLN B 288 15.81 -14.07 16.87
C GLN B 288 16.65 -12.81 16.88
N ALA B 289 16.98 -12.33 18.09
CA ALA B 289 17.88 -11.20 18.22
C ALA B 289 19.28 -11.57 17.71
N SER B 290 20.03 -10.57 17.27
CA SER B 290 21.27 -10.78 16.54
C SER B 290 22.38 -9.88 17.09
N ARG B 291 23.61 -10.14 16.63
CA ARG B 291 24.74 -9.28 16.99
C ARG B 291 24.47 -7.83 16.63
N MET B 292 24.06 -7.57 15.39
CA MET B 292 23.84 -6.19 14.97
C MET B 292 22.72 -5.53 15.77
N GLY B 293 21.85 -6.33 16.39
CA GLY B 293 20.76 -5.82 17.20
C GLY B 293 19.40 -5.99 16.60
N ALA B 294 19.31 -6.42 15.35
CA ALA B 294 18.03 -6.56 14.66
C ALA B 294 17.43 -7.95 14.91
N CYS B 295 16.14 -8.06 14.62
CA CYS B 295 15.47 -9.35 14.59
C CYS B 295 15.78 -10.04 13.27
N ILE B 296 16.44 -11.18 13.33
CA ILE B 296 16.78 -11.96 12.13
C ILE B 296 15.70 -13.02 11.94
N THR B 297 15.08 -13.02 10.76
CA THR B 297 14.00 -13.93 10.43
C THR B 297 14.51 -15.03 9.48
N PRO B 298 13.90 -16.22 9.50
CA PRO B 298 14.32 -17.25 8.54
C PRO B 298 14.12 -16.83 7.10
N GLU B 299 13.04 -16.11 6.82
CA GLU B 299 12.68 -15.80 5.43
C GLU B 299 13.54 -14.71 4.83
N PHE B 300 13.89 -13.68 5.61
CA PHE B 300 14.52 -12.48 5.09
C PHE B 300 15.80 -12.08 5.81
N GLY B 301 16.27 -12.88 6.77
CA GLY B 301 17.29 -12.42 7.68
C GLY B 301 16.83 -11.14 8.37
N PRO B 302 17.75 -10.20 8.57
CA PRO B 302 17.38 -8.90 9.14
C PRO B 302 16.81 -7.92 8.12
N ASN B 303 16.65 -8.30 6.86
CA ASN B 303 16.28 -7.38 5.80
C ASN B 303 14.75 -7.26 5.69
N VAL B 304 14.17 -6.79 6.78
CA VAL B 304 12.73 -6.79 6.97
C VAL B 304 12.42 -5.72 8.01
N ARG B 305 11.40 -4.92 7.75
CA ARG B 305 11.03 -3.91 8.74
C ARG B 305 9.94 -4.47 9.65
N LEU B 306 9.75 -3.80 10.79
CA LEU B 306 8.85 -4.25 11.83
C LEU B 306 7.87 -3.14 12.19
N THR B 307 6.61 -3.50 12.39
CA THR B 307 5.65 -2.62 13.03
C THR B 307 4.78 -3.49 13.93
N LYS B 308 3.97 -2.85 14.77
CA LYS B 308 3.21 -3.64 15.72
C LYS B 308 1.95 -2.88 16.13
N VAL B 309 0.95 -3.65 16.55
CA VAL B 309 -0.36 -3.14 16.94
C VAL B 309 -0.75 -3.81 18.26
N PHE B 310 -1.20 -3.00 19.23
CA PHE B 310 -1.59 -3.48 20.56
C PHE B 310 -3.11 -3.56 20.68
N THR B 311 -3.61 -4.62 21.31
CA THR B 311 -5.06 -4.80 21.32
C THR B 311 -5.50 -5.67 22.49
N ASN B 312 -6.76 -5.49 22.90
CA ASN B 312 -7.43 -6.39 23.84
C ASN B 312 -8.13 -7.55 23.16
N MET B 313 -8.05 -7.64 21.83
CA MET B 313 -8.66 -8.76 21.14
C MET B 313 -8.07 -10.08 21.62
N PRO B 314 -8.89 -11.03 22.06
CA PRO B 314 -8.37 -12.35 22.47
C PRO B 314 -7.67 -13.03 21.30
N LEU B 315 -6.49 -13.59 21.59
CA LEU B 315 -5.62 -14.16 20.56
C LEU B 315 -4.81 -15.29 21.16
N VAL B 316 -4.34 -16.18 20.31
CA VAL B 316 -3.42 -17.25 20.71
C VAL B 316 -2.00 -16.78 20.46
N PRO B 317 -1.17 -16.63 21.49
CA PRO B 317 0.23 -16.24 21.24
C PRO B 317 0.96 -17.29 20.43
N ASP B 318 1.84 -16.83 19.54
CA ASP B 318 2.71 -17.73 18.80
C ASP B 318 3.88 -18.16 19.68
N LYS B 319 4.58 -19.25 19.25
CA LYS B 319 5.76 -19.65 20.01
C LYS B 319 7.00 -18.90 19.52
N PRO B 320 7.94 -18.59 20.41
CA PRO B 320 9.26 -18.11 19.96
C PRO B 320 9.97 -19.21 19.19
N ILE B 321 10.88 -18.79 18.33
CA ILE B 321 11.59 -19.73 17.47
C ILE B 321 13.08 -19.67 17.78
N ASP B 322 13.76 -20.80 17.56
CA ASP B 322 15.20 -20.90 17.76
C ASP B 322 15.70 -21.67 16.56
N PHE B 323 16.26 -20.95 15.58
CA PHE B 323 16.91 -21.61 14.46
C PHE B 323 18.41 -21.35 14.44
N GLY B 324 19.00 -21.13 15.62
CA GLY B 324 20.44 -21.10 15.78
C GLY B 324 21.11 -19.75 15.60
N VAL B 325 20.35 -18.66 15.61
CA VAL B 325 20.93 -17.35 15.33
C VAL B 325 21.96 -16.98 16.39
N THR B 326 21.63 -17.21 17.67
CA THR B 326 22.55 -16.80 18.75
C THR B 326 23.90 -17.47 18.60
N GLU B 327 23.91 -18.78 18.30
CA GLU B 327 25.17 -19.51 18.14
C GLU B 327 25.89 -19.10 16.85
N PHE B 328 25.16 -18.72 15.82
CA PHE B 328 25.80 -18.28 14.59
C PHE B 328 26.48 -16.92 14.79
N CYS B 329 25.76 -15.98 15.39
CA CYS B 329 26.32 -14.65 15.60
C CYS B 329 27.50 -14.69 16.54
N GLU B 330 27.56 -15.72 17.39
CA GLU B 330 28.67 -15.86 18.33
C GLU B 330 30.00 -15.92 17.59
N THR B 331 30.07 -16.61 16.46
CA THR B 331 31.33 -16.76 15.74
C THR B 331 31.41 -15.97 14.44
N CYS B 332 30.31 -15.41 13.96
CA CYS B 332 30.33 -14.75 12.65
C CYS B 332 31.08 -13.42 12.68
N LYS B 333 30.52 -12.41 13.34
CA LYS B 333 31.13 -11.08 13.50
C LYS B 333 31.29 -10.33 12.18
N LYS B 334 30.63 -10.76 11.10
CA LYS B 334 30.78 -10.06 9.83
C LYS B 334 30.20 -8.65 9.89
N CYS B 335 29.05 -8.46 10.54
CA CYS B 335 28.51 -7.11 10.60
C CYS B 335 29.48 -6.20 11.33
N ALA B 336 30.10 -6.71 12.41
CA ALA B 336 31.01 -5.87 13.19
C ALA B 336 32.25 -5.48 12.39
N ARG B 337 32.74 -6.36 11.51
CA ARG B 337 33.95 -6.02 10.76
C ARG B 337 33.69 -5.06 9.61
N GLU B 338 32.51 -5.08 9.01
CA GLU B 338 32.23 -4.20 7.87
C GLU B 338 31.55 -2.90 8.25
N CYS B 339 31.12 -2.73 9.49
CA CYS B 339 30.36 -1.56 9.89
C CYS B 339 31.25 -0.32 9.74
N PRO B 340 30.82 0.70 9.00
CA PRO B 340 31.73 1.83 8.71
C PRO B 340 32.08 2.67 9.93
N SER B 341 31.32 2.56 11.03
CA SER B 341 31.52 3.36 12.22
C SER B 341 32.01 2.55 13.41
N LYS B 342 32.24 1.24 13.25
CA LYS B 342 32.63 0.36 14.34
C LYS B 342 31.62 0.44 15.50
N ALA B 343 30.35 0.59 15.16
CA ALA B 343 29.28 0.69 16.16
C ALA B 343 28.97 -0.66 16.80
N ILE B 344 29.18 -1.77 16.07
CA ILE B 344 28.76 -3.10 16.50
C ILE B 344 29.91 -3.79 17.22
N THR B 345 29.61 -4.33 18.40
CA THR B 345 30.63 -4.98 19.21
C THR B 345 31.05 -6.33 18.62
N GLU B 346 32.34 -6.66 18.79
CA GLU B 346 32.82 -8.01 18.56
C GLU B 346 32.86 -8.84 19.83
N GLY B 347 32.39 -8.30 20.95
CA GLY B 347 32.47 -8.98 22.22
C GLY B 347 31.24 -9.81 22.53
N PRO B 348 31.21 -10.38 23.73
CA PRO B 348 30.07 -11.21 24.14
C PRO B 348 28.90 -10.36 24.62
N ARG B 349 27.75 -11.02 24.78
CA ARG B 349 26.55 -10.35 25.26
C ARG B 349 26.64 -10.05 26.75
N THR B 350 26.13 -8.88 27.15
CA THR B 350 26.11 -8.50 28.56
C THR B 350 24.73 -7.93 28.91
N PHE B 351 24.55 -7.63 30.20
CA PHE B 351 23.36 -6.93 30.67
C PHE B 351 23.57 -5.43 30.81
N GLU B 352 24.74 -4.93 30.44
CA GLU B 352 25.10 -3.53 30.69
C GLU B 352 25.26 -2.79 29.37
N GLY B 353 24.50 -1.71 29.20
CA GLY B 353 24.55 -0.96 27.96
C GLY B 353 25.85 -0.21 27.79
N ARG B 354 26.23 0.01 26.52
CA ARG B 354 27.41 0.82 26.24
C ARG B 354 27.19 2.29 26.59
N SER B 355 25.96 2.79 26.47
CA SER B 355 25.69 4.20 26.65
C SER B 355 24.20 4.40 26.92
N ILE B 356 23.79 5.66 27.03
CA ILE B 356 22.40 6.02 27.30
C ILE B 356 21.43 5.47 26.25
N HIS B 357 21.90 5.18 25.04
CA HIS B 357 21.00 4.70 24.00
C HIS B 357 20.57 3.24 24.17
N ASN B 358 21.28 2.47 25.00
CA ASN B 358 20.92 1.09 25.27
C ASN B 358 20.07 0.97 26.53
N GLN B 359 19.14 0.03 26.51
CA GLN B 359 18.38 -0.34 27.71
C GLN B 359 19.16 -1.44 28.44
N SER B 360 19.69 -1.10 29.62
CA SER B 360 20.39 -2.08 30.44
C SER B 360 19.38 -3.03 31.09
N GLY B 361 19.89 -4.17 31.55
CA GLY B 361 19.09 -5.15 32.23
C GLY B 361 18.62 -6.32 31.37
N LYS B 362 18.95 -6.35 30.09
CA LYS B 362 18.59 -7.45 29.22
C LYS B 362 19.83 -7.94 28.50
N LEU B 363 19.94 -9.27 28.34
CA LEU B 363 21.11 -9.88 27.75
C LEU B 363 21.06 -9.72 26.24
N GLN B 364 22.02 -8.97 25.68
CA GLN B 364 22.05 -8.65 24.26
C GLN B 364 23.47 -8.26 23.91
N TRP B 365 23.75 -8.21 22.61
CA TRP B 365 24.98 -7.58 22.16
C TRP B 365 24.80 -6.08 22.25
N GLN B 366 25.69 -5.41 22.98
CA GLN B 366 25.57 -3.99 23.28
C GLN B 366 26.34 -3.18 22.23
N ASN B 367 25.62 -2.38 21.45
CA ASN B 367 26.20 -1.61 20.35
C ASN B 367 26.19 -0.12 20.68
N ASP B 368 27.13 0.61 20.09
CA ASP B 368 27.19 2.07 20.26
C ASP B 368 26.39 2.72 19.14
N TYR B 369 25.17 3.12 19.43
CA TYR B 369 24.27 3.63 18.41
C TYR B 369 24.49 5.10 18.09
N ASN B 370 25.28 5.82 18.89
CA ASN B 370 25.70 7.16 18.49
C ASN B 370 26.76 7.09 17.39
N LYS B 371 27.65 6.10 17.45
CA LYS B 371 28.60 5.90 16.35
C LYS B 371 27.87 5.56 15.06
N CYS B 372 26.86 4.69 15.12
CA CYS B 372 26.07 4.39 13.92
C CYS B 372 25.47 5.66 13.34
N LEU B 373 24.73 6.42 14.16
CA LEU B 373 24.07 7.61 13.63
C LEU B 373 25.07 8.59 13.05
N GLY B 374 26.26 8.70 13.65
CA GLY B 374 27.27 9.62 13.13
C GLY B 374 27.67 9.35 11.70
N TYR B 375 27.49 8.11 11.24
CA TYR B 375 27.82 7.80 9.86
C TYR B 375 26.74 8.23 8.88
N TRP B 376 25.54 8.58 9.36
CA TRP B 376 24.46 8.90 8.43
C TRP B 376 24.64 10.26 7.78
N PRO B 377 24.95 11.36 8.50
CA PRO B 377 25.25 12.61 7.79
C PRO B 377 26.48 12.49 6.91
N GLU B 378 27.47 11.71 7.33
N GLU B 378 27.48 11.72 7.35
CA GLU B 378 28.70 11.57 6.54
CA GLU B 378 28.69 11.54 6.56
C GLU B 378 28.42 10.88 5.20
C GLU B 378 28.38 10.91 5.20
N SER B 379 27.54 9.88 5.19
CA SER B 379 27.23 9.13 3.98
C SER B 379 25.98 9.60 3.26
N GLY B 380 25.19 10.50 3.86
CA GLY B 380 23.99 10.97 3.18
C GLY B 380 22.88 9.96 3.07
N GLY B 381 22.86 8.94 3.93
CA GLY B 381 21.84 7.92 3.85
C GLY B 381 21.53 7.26 5.17
N TYR B 382 20.94 6.06 5.14
CA TYR B 382 20.58 5.32 6.35
C TYR B 382 21.44 4.07 6.50
N CYS B 383 22.63 4.10 5.90
CA CYS B 383 23.59 2.99 5.89
C CYS B 383 22.90 1.66 5.57
N GLY B 384 22.85 0.75 6.54
CA GLY B 384 22.33 -0.60 6.31
C GLY B 384 23.37 -1.61 5.88
N VAL B 385 24.66 -1.28 5.99
CA VAL B 385 25.71 -2.23 5.60
C VAL B 385 25.62 -3.50 6.43
N CYS B 386 25.30 -3.39 7.73
CA CYS B 386 25.20 -4.59 8.55
C CYS B 386 24.10 -5.50 8.01
N VAL B 387 22.93 -4.94 7.69
CA VAL B 387 21.88 -5.75 7.05
C VAL B 387 22.37 -6.34 5.73
N ALA B 388 23.05 -5.53 4.91
CA ALA B 388 23.43 -6.01 3.58
C ALA B 388 24.47 -7.13 3.63
N VAL B 389 25.38 -7.13 4.62
CA VAL B 389 26.41 -8.17 4.64
C VAL B 389 26.03 -9.40 5.43
N CYS B 390 24.94 -9.37 6.18
CA CYS B 390 24.60 -10.49 7.05
C CYS B 390 24.29 -11.74 6.22
N PRO B 391 24.93 -12.87 6.49
CA PRO B 391 24.62 -14.09 5.72
C PRO B 391 23.14 -14.45 5.70
N PHE B 392 22.40 -14.14 6.77
CA PHE B 392 20.99 -14.48 6.80
C PHE B 392 20.19 -13.69 5.79
N THR B 393 20.67 -12.51 5.36
CA THR B 393 19.96 -11.76 4.33
C THR B 393 20.02 -12.47 2.97
N LYS B 394 21.03 -13.30 2.74
CA LYS B 394 21.17 -13.95 1.44
C LYS B 394 20.14 -15.06 1.26
N GLY B 395 19.82 -15.33 -0.01
CA GLY B 395 18.92 -16.39 -0.47
C GLY B 395 18.05 -17.13 0.52
N ASN B 431 26.08 -2.72 -9.34
CA ASN B 431 26.03 -1.31 -8.99
C ASN B 431 24.60 -0.81 -9.09
N ILE B 432 24.43 0.50 -8.86
CA ILE B 432 23.08 1.04 -8.80
C ILE B 432 22.42 1.09 -10.18
N THR B 433 23.20 1.31 -11.24
CA THR B 433 22.62 1.27 -12.58
C THR B 433 21.98 -0.07 -12.85
N GLU B 434 22.67 -1.16 -12.48
CA GLU B 434 22.13 -2.49 -12.71
C GLU B 434 20.88 -2.75 -11.87
N VAL B 435 20.74 -2.09 -10.71
CA VAL B 435 19.50 -2.21 -9.96
C VAL B 435 18.35 -1.54 -10.72
N TRP B 436 18.54 -0.29 -11.16
CA TRP B 436 17.51 0.41 -11.93
C TRP B 436 17.14 -0.34 -13.20
N ASP B 437 18.12 -1.01 -13.82
CA ASP B 437 17.91 -1.75 -15.06
C ASP B 437 17.52 -3.21 -14.82
N GLY B 438 17.42 -3.65 -13.57
CA GLY B 438 17.33 -5.04 -13.26
C GLY B 438 15.96 -5.46 -12.76
N LYS B 439 15.95 -6.59 -12.06
CA LYS B 439 14.72 -7.25 -11.63
C LYS B 439 13.95 -6.41 -10.63
N ILE B 440 12.63 -6.29 -10.82
CA ILE B 440 11.75 -5.72 -9.82
C ILE B 440 10.37 -6.35 -9.99
N ASN B 441 9.56 -6.25 -8.94
CA ASN B 441 8.20 -6.77 -8.96
C ASN B 441 7.43 -5.94 -7.94
N THR B 442 6.15 -6.27 -7.76
CA THR B 442 5.26 -5.40 -6.98
C THR B 442 5.74 -5.23 -5.54
N TYR B 443 5.80 -3.98 -5.07
CA TYR B 443 6.30 -3.62 -3.75
C TYR B 443 7.74 -4.06 -3.51
N GLY B 444 8.49 -4.34 -4.58
CA GLY B 444 9.84 -4.85 -4.41
C GLY B 444 9.94 -6.28 -3.94
N LEU B 445 8.83 -7.01 -3.88
CA LEU B 445 8.87 -8.41 -3.49
C LEU B 445 9.44 -9.26 -4.63
N ASP B 446 9.91 -10.45 -4.29
CA ASP B 446 10.63 -11.31 -5.23
C ASP B 446 9.85 -12.61 -5.42
N ALA B 447 9.40 -12.85 -6.66
CA ALA B 447 8.65 -14.07 -6.95
C ALA B 447 9.46 -15.34 -6.74
N ASP B 448 10.80 -15.24 -6.75
CA ASP B 448 11.62 -16.42 -6.47
C ASP B 448 11.48 -16.91 -5.04
N HIS B 449 10.98 -16.07 -4.12
CA HIS B 449 10.86 -16.40 -2.72
C HIS B 449 9.46 -16.21 -2.15
N PHE B 450 8.58 -15.52 -2.89
CA PHE B 450 7.26 -15.14 -2.37
C PHE B 450 6.45 -16.35 -1.92
N ARG B 451 6.68 -17.53 -2.52
CA ARG B 451 5.95 -18.72 -2.09
C ARG B 451 6.20 -19.05 -0.62
N ASP B 452 7.36 -18.69 -0.09
CA ASP B 452 7.67 -19.02 1.30
C ASP B 452 6.79 -18.30 2.30
N THR B 453 6.09 -17.22 1.92
CA THR B 453 5.19 -16.58 2.86
C THR B 453 3.72 -16.89 2.58
N VAL B 454 3.44 -17.93 1.79
CA VAL B 454 2.06 -18.35 1.62
C VAL B 454 1.53 -18.84 2.96
N SER B 455 0.23 -18.69 3.17
CA SER B 455 -0.37 -19.01 4.45
C SER B 455 -1.73 -19.68 4.28
N PHE B 456 -1.95 -20.76 5.04
CA PHE B 456 -3.26 -21.38 5.23
C PHE B 456 -3.57 -21.38 6.72
N ARG B 457 -4.81 -21.75 7.05
CA ARG B 457 -5.22 -21.73 8.46
C ARG B 457 -4.26 -22.56 9.32
N LYS B 458 -3.80 -23.70 8.80
CA LYS B 458 -2.94 -24.60 9.58
C LYS B 458 -1.73 -23.86 10.16
N ASP B 459 -1.19 -22.88 9.43
CA ASP B 459 -0.02 -22.16 9.91
C ASP B 459 -0.37 -20.83 10.57
N ARG B 460 -1.65 -20.42 10.56
CA ARG B 460 -2.04 -19.21 11.27
C ARG B 460 -2.44 -19.47 12.71
N VAL B 461 -3.07 -20.61 13.01
CA VAL B 461 -3.43 -20.87 14.39
C VAL B 461 -3.47 -22.37 14.67
FE1 SF4 C . -15.52 -12.09 -19.99
FE2 SF4 C . -16.12 -11.14 -22.45
FE3 SF4 C . -18.03 -11.25 -20.56
FE4 SF4 C . -17.04 -13.56 -21.68
S1 SF4 C . -18.24 -11.91 -22.78
S2 SF4 C . -17.43 -13.16 -19.45
S3 SF4 C . -14.89 -13.02 -22.00
S4 SF4 C . -16.21 -9.94 -20.49
FE1 SF4 D . -22.95 -7.43 -10.97
FE2 SF4 D . -21.37 -6.98 -13.08
FE3 SF4 D . -24.05 -7.27 -13.40
FE4 SF4 D . -23.03 -5.09 -12.14
S1 SF4 D . -22.71 -5.65 -14.36
S2 SF4 D . -24.86 -6.34 -11.47
S3 SF4 D . -21.23 -5.89 -11.05
S4 SF4 D . -22.64 -8.88 -12.75
P BVQ E . -19.31 4.24 -20.61
CO BVQ E . -16.99 0.54 -11.76
C1 BVQ E . -14.40 1.15 -12.82
C2 BVQ E . -12.92 0.72 -12.49
O2 BVQ E . -17.94 3.38 -20.38
C3 BVQ E . -13.07 -0.84 -12.36
O3 BVQ E . -19.39 5.04 -19.23
C4 BVQ E . -14.53 -0.97 -11.96
O4 BVQ E . -19.15 5.15 -21.76
C5 BVQ E . -15.11 -2.23 -11.39
O5 BVQ E . -20.45 3.25 -20.58
C6 BVQ E . -16.46 -2.35 -11.13
C7 BVQ E . -17.25 -3.53 -10.56
C8 BVQ E . -18.60 -3.30 -11.30
C9 BVQ E . -18.59 -1.79 -11.40
C10 BVQ E . -19.78 -1.08 -11.45
C11 BVQ E . -19.87 0.30 -11.61
C12 BVQ E . -21.21 1.00 -11.69
C13 BVQ E . -20.84 2.50 -11.87
C14 BVQ E . -19.27 2.44 -11.97
C15 BVQ E . -18.50 3.56 -12.10
C16 BVQ E . -17.01 3.47 -12.25
C17 BVQ E . -16.03 4.62 -12.44
C18 BVQ E . -14.78 3.81 -12.87
C19 BVQ E . -14.94 2.47 -12.15
N1B BVQ E . -15.22 2.21 -21.16
C1P BVQ E . -18.79 6.64 -17.54
C1R BVQ E . -15.72 1.42 -20.04
C20 BVQ E . -14.75 1.18 -14.30
N21 BVQ E . -15.21 0.10 -12.20
N22 BVQ E . -17.34 -1.34 -11.51
N23 BVQ E . -18.81 1.11 -11.78
N24 BVQ E . -16.42 2.30 -12.11
C25 BVQ E . -11.91 1.20 -13.54
C26 BVQ E . -12.54 1.25 -11.06
C27 BVQ E . -11.16 0.82 -10.54
O28 BVQ E . -10.50 -0.05 -11.12
N29 BVQ E . -10.70 1.46 -9.48
C2B BVQ E . -14.90 3.48 -21.00
C2P BVQ E . -18.59 6.17 -19.01
C2R BVQ E . -17.20 1.06 -20.09
C30 BVQ E . -12.73 -1.57 -13.67
C31 BVQ E . -11.31 -2.17 -13.67
C32 BVQ E . -10.92 -2.73 -15.01
N33 BVQ E . -10.21 -3.86 -14.99
O34 BVQ E . -11.23 -2.16 -16.06
C35 BVQ E . -14.06 -3.29 -11.17
C36 BVQ E . -16.74 -4.96 -10.85
C37 BVQ E . -17.53 -3.36 -9.05
C38 BVQ E . -16.36 -3.85 -8.16
O39 BVQ E . -15.23 -3.36 -8.28
N3B BVQ E . -14.35 4.04 -22.10
C3R BVQ E . -17.82 2.30 -19.47
N40 BVQ E . -16.65 -4.76 -7.25
C41 BVQ E . -18.49 -3.89 -12.72
C42 BVQ E . -19.57 -3.43 -13.71
C43 BVQ E . -19.19 -3.71 -15.14
O44 BVQ E . -18.09 -3.35 -15.59
N45 BVQ E . -20.08 -4.33 -15.88
C46 BVQ E . -22.05 0.87 -10.41
C47 BVQ E . -21.96 0.36 -12.87
C48 BVQ E . -21.58 3.17 -13.05
C49 BVQ E . -20.85 3.18 -14.41
N4B BVQ E . -13.85 3.18 -24.31
C4R BVQ E . -16.81 2.67 -18.38
C50 BVQ E . -21.41 4.23 -15.34
O51 BVQ E . -22.23 5.07 -14.94
N52 BVQ E . -20.96 4.22 -16.58
C53 BVQ E . -19.09 4.94 -12.09
C54 BVQ E . -15.83 5.32 -11.09
C55 BVQ E . -16.29 5.69 -13.54
C56 BVQ E . -16.56 5.04 -14.91
C57 BVQ E . -17.09 6.10 -15.85
O58 BVQ E . -16.58 7.21 -15.91
N59 BVQ E . -18.11 5.74 -16.61
C5B BVQ E . -13.97 2.04 -24.97
C5R BVQ E . -17.06 2.07 -17.02
C60 BVQ E . -13.44 4.51 -12.57
C61 BVQ E . -13.03 5.47 -13.68
N62 BVQ E . -12.78 6.71 -13.31
O63 BVQ E . -12.98 5.09 -14.85
N6B BVQ E . -14.48 0.87 -24.55
O6R BVQ E . -15.54 2.19 -18.86
N7A BVQ E . -15.42 -0.38 -22.85
C7B BVQ E . -14.92 0.78 -23.27
O7R BVQ E . -17.67 0.85 -21.43
C8B BVQ E . -14.85 1.94 -22.47
O8R BVQ E . -18.30 2.51 -16.50
C9B BVQ E . -14.31 3.08 -23.06
C1 BEN F . -26.26 13.97 -5.44
C2 BEN F . -26.75 15.13 -4.84
C3 BEN F . -28.12 15.41 -4.88
C4 BEN F . -29.00 14.55 -5.51
C5 BEN F . -28.51 13.40 -6.11
C6 BEN F . -27.14 13.11 -6.08
C BEN F . -24.89 13.67 -5.41
N1 BEN F . -24.04 14.33 -4.64
N2 BEN F . -24.38 12.69 -6.15
C1 GOL G . -20.23 8.24 -2.99
O1 GOL G . -20.21 7.15 -3.88
C2 GOL G . -21.24 9.27 -3.48
O2 GOL G . -22.18 8.66 -4.33
C3 GOL G . -20.50 10.35 -4.26
O3 GOL G . -19.31 10.67 -3.58
C1 GOL H . -0.99 11.97 2.78
O1 GOL H . -1.21 12.34 4.11
C2 GOL H . -0.84 13.22 1.95
O2 GOL H . 0.19 14.04 2.46
C3 GOL H . -2.18 13.96 1.92
O3 GOL H . -2.21 14.76 0.75
C1 GOL I . -16.72 -6.34 -33.63
O1 GOL I . -16.57 -6.53 -35.02
C2 GOL I . -18.14 -5.89 -33.33
O2 GOL I . -18.16 -4.48 -33.26
C3 GOL I . -18.62 -6.50 -32.01
O3 GOL I . -20.02 -6.31 -31.87
C1 GOL J . -25.00 -1.44 -36.37
O1 GOL J . -24.84 -2.21 -37.53
C2 GOL J . -23.63 -1.25 -35.73
O2 GOL J . -23.53 -2.12 -34.62
C3 GOL J . -23.56 0.19 -35.25
O3 GOL J . -22.27 0.49 -34.78
C2 IOL K . -17.67 0.04 -4.41
C3 IOL K . -16.86 -0.19 -5.51
C4 IOL K . -16.49 0.88 -6.32
O4 IOL K . -15.70 0.64 -7.41
C5 IOL K . -16.93 2.16 -6.03
C6 IOL K . -17.74 2.38 -4.93
C1 IOL K . -18.10 1.32 -4.13
I1 IOL K . -19.30 1.63 -2.43
C2 IOL L . -24.86 18.69 -7.86
C3 IOL L . -26.14 19.18 -8.06
C4 IOL L . -27.18 18.31 -8.32
O4 IOL L . -28.43 18.80 -8.55
C5 IOL L . -26.94 16.94 -8.37
C6 IOL L . -25.66 16.45 -8.18
C1 IOL L . -24.62 17.33 -7.93
I1 IOL L . -22.66 16.62 -7.74
C2 IOL M . -23.87 10.20 4.30
C2 IOL M . -26.76 11.47 3.44
C3 IOL M . -24.91 11.07 4.09
C3 IOL M . -26.68 10.96 4.72
C4 IOL M . -25.92 11.18 5.05
C4 IOL M . -25.50 10.40 5.18
O4 IOL M . -26.96 12.03 4.83
O4 IOL M . -25.41 9.92 6.45
C5 IOL M . -25.87 10.41 6.20
C5 IOL M . -24.40 10.34 4.34
C6 IOL M . -24.82 9.53 6.40
C6 IOL M . -24.49 10.83 3.05
C1 IOL M . -23.83 9.42 5.45
C1 IOL M . -25.66 11.41 2.61
I1 IOL M . -22.25 8.06 5.72
I1 IOL M . -25.76 12.21 0.67
I IOD N . -22.39 -1.24 -1.11
FE1 SF4 O . 24.51 -11.28 10.79
FE2 SF4 O . 25.05 -12.16 13.30
FE3 SF4 O . 26.20 -9.91 12.39
FE4 SF4 O . 26.92 -12.41 11.34
S1 SF4 O . 27.26 -11.63 13.51
S2 SF4 O . 26.52 -10.48 10.16
S3 SF4 O . 24.94 -13.46 11.41
S4 SF4 O . 24.00 -10.18 12.75
FE1 SF4 P . 25.85 1.02 9.21
FE2 SF4 P . 24.81 -0.96 10.62
FE3 SF4 P . 24.94 1.53 11.61
FE4 SF4 P . 27.22 0.15 11.34
S1 SF4 P . 25.47 -0.38 12.73
S2 SF4 P . 26.92 2.33 10.74
S3 SF4 P . 26.78 -1.06 9.49
S4 SF4 P . 23.66 0.87 9.90
P BVQ Q . 18.85 -1.37 22.96
CO BVQ Q . 16.91 1.40 13.65
C1 BVQ Q . 14.75 -0.36 14.19
C2 BVQ Q . 13.72 -1.19 13.34
O2 BVQ Q . 18.23 -2.39 21.85
C3 BVQ Q . 14.64 -1.83 12.24
O3 BVQ Q . 18.18 0.00 22.46
C4 BVQ Q . 15.78 -0.84 12.20
O4 BVQ Q . 18.50 -1.73 24.35
C5 BVQ Q . 16.77 -0.77 11.11
O5 BVQ Q . 20.32 -1.31 22.57
C6 BVQ Q . 17.90 0.04 11.17
C7 BVQ Q . 19.05 0.21 10.17
C8 BVQ Q . 20.18 0.59 11.18
C9 BVQ Q . 19.38 1.29 12.24
C10 BVQ Q . 19.96 2.29 13.01
C11 BVQ Q . 19.31 2.95 14.05
C12 BVQ Q . 20.03 4.01 14.87
C13 BVQ Q . 18.97 4.44 15.96
C14 BVQ Q . 17.75 3.50 15.59
C15 BVQ Q . 16.54 3.59 16.23
C16 BVQ Q . 15.42 2.63 15.91
C17 BVQ Q . 14.05 2.54 16.59
C18 BVQ Q . 13.61 1.15 16.09
C19 BVQ Q . 14.29 1.04 14.71
N1B BVQ Q . 16.84 -4.94 20.97
C1P BVQ Q . 16.46 1.68 22.18
C1R BVQ Q . 17.34 -4.27 19.77
C20 BVQ Q . 15.38 -1.11 15.35
N21 BVQ Q . 15.80 -0.06 13.24
N22 BVQ Q . 18.15 0.78 12.33
N23 BVQ Q . 18.08 2.67 14.49
N24 BVQ Q . 15.55 1.81 14.90
C25 BVQ Q . 12.94 -2.21 14.19
C26 BVQ Q . 12.76 -0.21 12.57
C27 BVQ Q . 11.71 -0.82 11.62
O28 BVQ Q . 11.77 -2.00 11.25
N29 BVQ Q . 10.76 0.02 11.23
C2B BVQ Q . 15.86 -4.35 21.63
C2P BVQ Q . 16.92 0.42 22.97
C2R BVQ Q . 18.77 -3.75 19.88
C30 BVQ Q . 15.10 -3.27 12.56
C31 BVQ Q . 14.24 -4.37 11.91
C32 BVQ Q . 14.59 -5.75 12.39
N33 BVQ Q . 14.65 -6.69 11.46
O34 BVQ Q . 14.83 -5.97 13.58
C35 BVQ Q . 16.40 -1.69 9.97
C36 BVQ Q . 19.47 -1.04 9.37
C37 BVQ Q . 18.84 1.44 9.25
C38 BVQ Q . 17.89 1.19 8.05
O39 BVQ Q . 16.76 0.73 8.23
N3B BVQ Q . 15.34 -5.10 22.63
C3R BVQ Q . 18.51 -2.37 20.46
N40 BVQ Q . 18.35 1.54 6.87
C41 BVQ Q . 20.75 -0.72 11.78
C42 BVQ Q . 21.69 -0.51 12.95
C43 BVQ Q . 21.85 -1.76 13.77
O44 BVQ Q . 20.87 -2.35 14.24
N45 BVQ Q . 23.10 -2.19 13.94
C46 BVQ Q . 20.48 5.21 14.02
C47 BVQ Q . 21.27 3.33 15.48
C48 BVQ Q . 19.52 4.39 17.40
C49 BVQ Q . 19.26 3.11 18.20
N4B BVQ Q . 15.89 -7.32 23.45
C4R BVQ Q . 17.25 -1.93 19.73
C50 BVQ Q . 19.33 3.39 19.69
O51 BVQ Q . 19.44 4.55 20.12
N52 BVQ Q . 19.25 2.34 20.48
C53 BVQ Q . 16.28 4.61 17.30
C54 BVQ Q . 13.14 3.68 16.07
C55 BVQ Q . 13.99 2.48 18.14
C56 BVQ Q . 14.89 1.39 18.74
C57 BVQ Q . 14.98 1.58 20.23
O58 BVQ Q . 13.99 1.87 20.91
N59 BVQ Q . 16.17 1.41 20.78
C5B BVQ Q . 16.76 -8.29 23.17
C5R BVQ Q . 17.48 -1.23 18.42
C60 BVQ Q . 12.08 0.94 16.06
C61 BVQ Q . 11.55 0.45 17.38
N62 BVQ Q . 10.60 1.17 17.93
O63 BVQ Q . 12.02 -0.57 17.90
N6B BVQ Q . 17.70 -8.32 22.23
O6R BVQ Q . 16.51 -3.15 19.50
N7A BVQ Q . 18.80 -7.29 20.48
C7B BVQ Q . 17.84 -7.26 21.41
O7R BVQ Q . 19.52 -4.53 20.80
C8B BVQ Q . 16.97 -6.17 21.60
O8R BVQ Q . 18.10 0.02 18.59
C9B BVQ Q . 16.04 -6.28 22.63
C1 GOL R . 14.18 13.19 13.13
O1 GOL R . 14.45 11.93 12.56
C2 GOL R . 13.65 12.99 14.53
O2 GOL R . 13.33 11.63 14.70
C3 GOL R . 12.40 13.83 14.71
O3 GOL R . 11.47 13.12 15.50
C1 GOL S . -5.65 8.40 7.18
O1 GOL S . -6.24 9.45 6.48
C2 GOL S . -6.28 8.32 8.56
O2 GOL S . -7.68 8.57 8.50
C3 GOL S . -5.56 9.31 9.48
O3 GOL S . -5.79 8.98 10.83
C2 IOL T . 13.79 16.66 24.79
C3 IOL T . 14.82 17.45 25.24
C4 IOL T . 15.58 18.19 24.33
O4 IOL T . 16.59 18.99 24.76
C5 IOL T . 15.29 18.12 22.98
C6 IOL T . 14.25 17.32 22.52
C1 IOL T . 13.51 16.60 23.44
I1 IOL T . 11.91 15.40 22.76
C2 IOL U . 15.80 21.39 17.41
C3 IOL U . 16.56 22.02 18.37
C4 IOL U . 17.41 23.05 18.00
O4 IOL U . 18.15 23.70 18.95
C5 IOL U . 17.49 23.44 16.67
C6 IOL U . 16.72 22.81 15.71
C1 IOL U . 15.87 21.78 16.09
I1 IOL U . 14.68 20.83 14.65
C2 IOL V . 13.35 21.03 10.18
C3 IOL V . 13.82 21.96 11.08
C4 IOL V . 14.42 23.12 10.64
O4 IOL V . 14.91 24.01 11.55
C5 IOL V . 14.53 23.37 9.29
C6 IOL V . 14.06 22.45 8.37
C1 IOL V . 13.48 21.28 8.82
I1 IOL V . 12.86 19.82 7.43
C2 IOL W . 15.85 6.46 8.43
C3 IOL W . 15.54 5.21 8.93
C4 IOL W . 14.84 5.08 10.12
O4 IOL W . 14.57 3.84 10.61
C5 IOL W . 14.44 6.22 10.80
C6 IOL W . 14.75 7.47 10.32
C1 IOL W . 15.45 7.59 9.14
I1 IOL W . 15.99 9.49 8.42
I1 IOL X . 22.95 -18.15 6.73
I IOD Y . 19.21 10.92 6.40
#